data_8WNI
#
_entry.id   8WNI
#
_cell.length_a   52.692
_cell.length_b   52.857
_cell.length_c   103.041
_cell.angle_alpha   92.19
_cell.angle_beta   97.63
_cell.angle_gamma   103.82
#
_symmetry.space_group_name_H-M   'P 1'
#
loop_
_entity.id
_entity.type
_entity.pdbx_description
1 polymer 'Isoleucine--tRNA ligase'
2 non-polymer 'ZINC ION'
3 non-polymer VALINE
4 non-polymer GLYCEROL
5 non-polymer 'ACETATE ION'
6 non-polymer 2-AMINO-2-HYDROXYMETHYL-PROPANE-1,3-DIOL
7 water water
#
_entity_poly.entity_id   1
_entity_poly.type   'polypeptide(L)'
_entity_poly.pdbx_seq_one_letter_code
;SMEEYKDTLNLNTTTFSMKGNLSVNEPKTYAKWQEQQAFKRMQARKDNHGDFTLHDGPPYANGHLHLGHALNKILKDIVV
KREYFKGKKIYYTPGWDCHGLPIEQQILERLEKEKTSLENPTLFREKCRDHAKKFLEIQKNEFLQLGVLGDFEDPYKTMD
FKFEASIYRALVEVAKKGLLKERHKPIYWSYACESALAEAEVEYKMKKSPSIFVAFGLKKESLEKLKVKKASLVIWTTTP
WTLYANVAIALKKDAVYALTQKGYLVAKALHEKLAALGVVDNEITHEFNSNDLEYLVATNPLNQRDSLVALGEHVGLEDG
TGAVHTAPGHGEEDYYLGLRYNLEVLMSVDEKGCYDEGIIHNQLLDESYLGEHVFKAQKRIIEQLGDSLLLEQEIEHSYP
HCWRTHKPVIYRATTQWFILMDEPFIQNDGSQKTLREVALDAIEKVEFVPSSGKNRLKTMIENRPDWCLSRQRKWGVPLA
FFIDKRTNKPCFESEVLEHVANLFEKKGCDVWWEYSVKDLLPPSYQEDAKHYEKIMHILDVWFDSGSTFKAVLEDYHGEK
GQSPSDVILEGSDQHRGWFQSSLLIGCVLNNQAPFKKVITHGFIVDEKGEKMSKSKGNVVSLDKLLKTHGSDVVRLWVAF
NDYQNDLRVSQTFFTQTEQHYKKFRNTLKFLLANFSDMDLKNLERPHNFSPLDHFMLETLETISAGVNSAFEEHDFVKGL
NILMAFVTNELSGIYLDACKDSLYCDSKNNEKRQAIQMVLLATASKLCYFLAPILTHTIEEVLEHSQALRIFLQAKDVFD
LKDISVSEKLHLKEFKKPENFEAVLALRSAFNEELDRLKKEGVIKNSLECAIEVKEKALDENLVEELLMVSFVGIAKEKL
SETPAFTLFKAPFYKCPRCWRFKSELENTPCKRCEQVLKER
;
_entity_poly.pdbx_strand_id   A
#
# COMPACT_ATOMS: atom_id res chain seq x y z
N GLU A 4 -40.73 17.92 -42.04
CA GLU A 4 -39.82 16.97 -41.40
C GLU A 4 -40.59 15.92 -40.58
N TYR A 5 -40.02 14.72 -40.51
CA TYR A 5 -40.61 13.60 -39.80
C TYR A 5 -39.93 13.32 -38.46
N LYS A 6 -39.07 14.22 -37.99
CA LYS A 6 -38.30 13.95 -36.77
C LYS A 6 -39.22 13.71 -35.58
N ASP A 7 -40.33 14.44 -35.50
CA ASP A 7 -41.27 14.30 -34.40
C ASP A 7 -42.06 13.00 -34.45
N THR A 8 -41.96 12.23 -35.53
CA THR A 8 -42.62 10.94 -35.66
C THR A 8 -41.74 9.77 -35.28
N LEU A 9 -40.48 10.03 -34.93
CA LEU A 9 -39.60 8.97 -34.47
C LEU A 9 -39.89 8.63 -33.01
N ASN A 10 -39.38 7.49 -32.56
CA ASN A 10 -39.40 7.20 -31.13
C ASN A 10 -38.49 8.18 -30.41
N LEU A 11 -38.99 8.75 -29.32
CA LEU A 11 -38.23 9.77 -28.60
C LEU A 11 -36.94 9.20 -28.03
N ASN A 12 -37.02 8.08 -27.32
CA ASN A 12 -35.87 7.36 -26.77
C ASN A 12 -34.95 8.28 -25.95
N THR A 13 -35.51 8.85 -24.89
CA THR A 13 -34.70 9.64 -23.98
C THR A 13 -34.81 9.11 -22.56
N THR A 14 -33.82 9.47 -21.75
CA THR A 14 -33.79 9.12 -20.34
C THR A 14 -33.48 10.37 -19.53
N THR A 15 -33.92 10.36 -18.26
CA THR A 15 -33.57 11.45 -17.36
C THR A 15 -32.11 11.38 -16.92
N PHE A 16 -31.45 10.23 -17.11
CA PHE A 16 -30.06 10.07 -16.75
C PHE A 16 -29.19 10.98 -17.60
N SER A 17 -28.47 11.88 -16.95
CA SER A 17 -27.80 12.97 -17.64
C SER A 17 -26.43 12.55 -18.17
N MET A 18 -26.05 13.16 -19.29
CA MET A 18 -24.71 12.91 -19.84
C MET A 18 -23.64 13.49 -18.93
N LYS A 19 -23.92 14.65 -18.33
CA LYS A 19 -22.97 15.28 -17.42
C LYS A 19 -23.06 14.63 -16.03
N GLY A 20 -21.91 14.31 -15.45
CA GLY A 20 -21.89 13.71 -14.14
C GLY A 20 -22.21 14.66 -13.01
N ASN A 21 -21.86 15.95 -13.16
CA ASN A 21 -22.00 16.95 -12.10
C ASN A 21 -21.52 16.40 -10.75
N LEU A 22 -20.34 15.76 -10.80
CA LEU A 22 -19.93 14.89 -9.70
C LEU A 22 -19.70 15.67 -8.41
N SER A 23 -19.15 16.89 -8.51
CA SER A 23 -18.90 17.70 -7.32
C SER A 23 -20.17 18.00 -6.53
N VAL A 24 -21.32 17.98 -7.20
CA VAL A 24 -22.60 18.30 -6.58
C VAL A 24 -23.36 17.05 -6.18
N ASN A 25 -23.34 16.02 -7.03
CA ASN A 25 -24.17 14.84 -6.78
C ASN A 25 -23.50 13.80 -5.90
N GLU A 26 -22.18 13.59 -6.03
CA GLU A 26 -21.52 12.57 -5.20
C GLU A 26 -21.67 12.84 -3.71
N PRO A 27 -21.46 14.04 -3.20
CA PRO A 27 -21.68 14.26 -1.76
C PRO A 27 -23.07 13.89 -1.29
N LYS A 28 -24.08 14.10 -2.14
CA LYS A 28 -25.44 13.71 -1.78
C LYS A 28 -25.58 12.20 -1.67
N THR A 29 -24.99 11.46 -2.61
CA THR A 29 -25.00 10.00 -2.52
C THR A 29 -24.31 9.51 -1.25
N TYR A 30 -23.12 10.05 -0.97
CA TYR A 30 -22.35 9.53 0.16
C TYR A 30 -23.02 9.88 1.49
N ALA A 31 -23.62 11.06 1.57
CA ALA A 31 -24.36 11.41 2.78
C ALA A 31 -25.56 10.51 2.99
N LYS A 32 -26.22 10.11 1.90
CA LYS A 32 -27.36 9.19 2.01
C LYS A 32 -26.92 7.83 2.53
N TRP A 33 -25.79 7.32 2.03
CA TRP A 33 -25.27 6.04 2.51
C TRP A 33 -24.92 6.09 4.00
N GLN A 34 -24.46 7.24 4.48
CA GLN A 34 -24.18 7.39 5.91
C GLN A 34 -25.49 7.43 6.71
N GLU A 35 -26.43 8.29 6.30
CA GLU A 35 -27.70 8.41 7.00
C GLU A 35 -28.48 7.10 6.98
N GLN A 36 -28.47 6.39 5.86
CA GLN A 36 -29.23 5.15 5.73
C GLN A 36 -28.46 3.92 6.19
N GLN A 37 -27.23 4.09 6.70
CA GLN A 37 -26.42 3.00 7.24
C GLN A 37 -26.27 1.86 6.22
N ALA A 38 -25.71 2.22 5.06
CA ALA A 38 -25.63 1.28 3.95
C ALA A 38 -24.74 0.09 4.28
N PHE A 39 -23.62 0.32 4.97
CA PHE A 39 -22.72 -0.78 5.29
C PHE A 39 -23.39 -1.78 6.23
N LYS A 40 -24.05 -1.30 7.28
CA LYS A 40 -24.81 -2.18 8.15
C LYS A 40 -25.89 -2.91 7.37
N ARG A 41 -26.51 -2.25 6.40
CA ARG A 41 -27.46 -2.93 5.53
C ARG A 41 -26.78 -4.02 4.72
N MET A 42 -25.57 -3.75 4.22
CA MET A 42 -24.84 -4.77 3.48
C MET A 42 -24.56 -5.99 4.36
N GLN A 43 -24.14 -5.78 5.61
CA GLN A 43 -23.86 -6.89 6.51
C GLN A 43 -25.11 -7.66 6.89
N ALA A 44 -26.26 -7.00 6.94
CA ALA A 44 -27.51 -7.64 7.34
C ALA A 44 -28.22 -8.34 6.19
N ARG A 45 -27.72 -8.24 4.95
CA ARG A 45 -28.40 -8.82 3.78
C ARG A 45 -28.74 -10.28 4.04
N LYS A 46 -30.02 -10.62 3.92
CA LYS A 46 -30.51 -11.91 4.44
C LYS A 46 -29.92 -13.10 3.68
N ASP A 47 -29.65 -12.98 2.39
CA ASP A 47 -29.13 -14.11 1.63
C ASP A 47 -27.60 -14.12 1.52
N ASN A 48 -26.89 -13.51 2.47
CA ASN A 48 -25.43 -13.61 2.48
C ASN A 48 -25.03 -15.08 2.47
N HIS A 49 -24.05 -15.41 1.64
CA HIS A 49 -23.52 -16.77 1.55
C HIS A 49 -22.00 -16.71 1.52
N GLY A 50 -21.35 -17.26 2.54
CA GLY A 50 -19.93 -17.13 2.70
C GLY A 50 -19.55 -15.83 3.39
N ASP A 51 -18.29 -15.78 3.85
CA ASP A 51 -17.75 -14.65 4.59
C ASP A 51 -16.47 -14.17 3.94
N PHE A 52 -16.19 -12.87 4.11
CA PHE A 52 -14.94 -12.28 3.64
C PHE A 52 -14.52 -11.21 4.64
N THR A 53 -13.31 -11.34 5.15
CA THR A 53 -12.74 -10.41 6.12
C THR A 53 -11.56 -9.69 5.48
N LEU A 54 -11.65 -8.37 5.38
CA LEU A 54 -10.49 -7.54 5.08
C LEU A 54 -10.14 -6.82 6.37
N HIS A 55 -8.91 -7.01 6.85
CA HIS A 55 -8.49 -6.36 8.08
C HIS A 55 -7.78 -5.06 7.72
N ASP A 56 -8.34 -3.94 8.16
CA ASP A 56 -7.78 -2.63 7.86
C ASP A 56 -6.48 -2.41 8.61
N GLY A 57 -5.46 -1.93 7.90
CA GLY A 57 -4.26 -1.42 8.53
C GLY A 57 -4.47 0.03 8.92
N PRO A 58 -4.23 0.37 10.17
CA PRO A 58 -4.72 1.66 10.70
C PRO A 58 -3.77 2.80 10.39
N PRO A 59 -4.24 3.85 9.71
CA PRO A 59 -3.41 5.05 9.55
C PRO A 59 -3.21 5.75 10.89
N TYR A 60 -2.13 6.52 10.95
CA TYR A 60 -1.89 7.33 12.15
C TYR A 60 -2.90 8.46 12.22
N ALA A 61 -3.45 8.67 13.42
CA ALA A 61 -4.48 9.69 13.66
C ALA A 61 -3.81 11.04 13.85
N ASN A 62 -3.24 11.53 12.76
CA ASN A 62 -2.55 12.82 12.78
C ASN A 62 -2.54 13.38 11.37
N GLY A 63 -3.11 14.56 11.20
CA GLY A 63 -3.09 15.25 9.92
C GLY A 63 -4.26 14.85 9.04
N HIS A 64 -4.43 15.63 7.97
CA HIS A 64 -5.42 15.28 6.97
C HIS A 64 -4.90 14.12 6.12
N LEU A 65 -5.81 13.49 5.39
CA LEU A 65 -5.45 12.38 4.52
C LEU A 65 -4.55 12.86 3.38
N HIS A 66 -3.55 12.06 3.05
N HIS A 66 -3.56 12.04 3.05
CA HIS A 66 -2.80 12.33 1.83
CA HIS A 66 -2.74 12.23 1.87
C HIS A 66 -3.26 11.38 0.73
C HIS A 66 -3.34 11.43 0.70
N LEU A 67 -2.80 11.66 -0.50
CA LEU A 67 -3.27 10.91 -1.66
C LEU A 67 -3.05 9.42 -1.50
N GLY A 68 -1.97 9.01 -0.82
CA GLY A 68 -1.73 7.60 -0.61
C GLY A 68 -2.77 6.92 0.26
N HIS A 69 -3.35 7.67 1.22
CA HIS A 69 -4.48 7.15 1.99
C HIS A 69 -5.69 6.91 1.11
N ALA A 70 -5.95 7.82 0.17
CA ALA A 70 -7.10 7.65 -0.72
C ALA A 70 -6.90 6.46 -1.63
N LEU A 71 -5.71 6.35 -2.24
CA LEU A 71 -5.38 5.17 -3.03
C LEU A 71 -5.66 3.90 -2.23
N ASN A 72 -5.17 3.85 -1.00
CA ASN A 72 -5.32 2.66 -0.17
C ASN A 72 -6.79 2.32 0.08
N LYS A 73 -7.59 3.30 0.52
CA LYS A 73 -8.96 2.98 0.91
C LYS A 73 -9.84 2.68 -0.30
N ILE A 74 -9.57 3.33 -1.43
CA ILE A 74 -10.27 3.02 -2.68
C ILE A 74 -10.02 1.57 -3.09
N LEU A 75 -8.75 1.14 -3.08
CA LEU A 75 -8.45 -0.25 -3.45
C LEU A 75 -9.13 -1.24 -2.51
N LYS A 76 -9.11 -0.95 -1.20
CA LYS A 76 -9.85 -1.78 -0.25
C LYS A 76 -11.33 -1.83 -0.58
N ASP A 77 -11.90 -0.67 -0.92
CA ASP A 77 -13.32 -0.58 -1.21
C ASP A 77 -13.71 -1.39 -2.45
N ILE A 78 -12.89 -1.35 -3.49
CA ILE A 78 -13.18 -2.16 -4.69
C ILE A 78 -13.15 -3.64 -4.35
N VAL A 79 -12.15 -4.07 -3.57
CA VAL A 79 -12.02 -5.47 -3.19
C VAL A 79 -13.20 -5.91 -2.33
N VAL A 80 -13.56 -5.08 -1.34
CA VAL A 80 -14.68 -5.40 -0.45
C VAL A 80 -16.00 -5.43 -1.21
N LYS A 81 -16.23 -4.42 -2.06
CA LYS A 81 -17.48 -4.38 -2.81
C LYS A 81 -17.60 -5.55 -3.79
N ARG A 82 -16.49 -5.96 -4.41
CA ARG A 82 -16.51 -7.16 -5.25
C ARG A 82 -17.01 -8.38 -4.49
N GLU A 83 -16.51 -8.57 -3.27
CA GLU A 83 -16.92 -9.72 -2.47
C GLU A 83 -18.38 -9.61 -2.06
N TYR A 84 -18.82 -8.40 -1.68
CA TYR A 84 -20.23 -8.19 -1.34
C TYR A 84 -21.13 -8.56 -2.52
N PHE A 85 -20.82 -8.04 -3.71
CA PHE A 85 -21.67 -8.28 -4.87
C PHE A 85 -21.58 -9.72 -5.36
N LYS A 86 -20.49 -10.43 -5.04
CA LYS A 86 -20.46 -11.87 -5.26
C LYS A 86 -21.39 -12.62 -4.30
N GLY A 87 -21.89 -11.97 -3.25
CA GLY A 87 -22.87 -12.56 -2.37
C GLY A 87 -22.41 -12.85 -0.96
N LYS A 88 -21.25 -12.38 -0.55
CA LYS A 88 -20.71 -12.76 0.75
C LYS A 88 -21.05 -11.74 1.83
N LYS A 89 -21.11 -12.24 3.07
CA LYS A 89 -21.13 -11.34 4.21
C LYS A 89 -19.74 -10.73 4.40
N ILE A 90 -19.69 -9.41 4.47
CA ILE A 90 -18.46 -8.63 4.51
C ILE A 90 -18.14 -8.24 5.94
N TYR A 91 -16.88 -8.36 6.33
CA TYR A 91 -16.35 -7.77 7.55
C TYR A 91 -15.26 -6.78 7.17
N TYR A 92 -15.41 -5.53 7.58
CA TYR A 92 -14.44 -4.50 7.25
C TYR A 92 -14.60 -3.38 8.29
N THR A 93 -13.80 -3.46 9.36
CA THR A 93 -13.81 -2.45 10.41
C THR A 93 -12.56 -1.60 10.24
N PRO A 94 -12.68 -0.38 9.74
CA PRO A 94 -11.50 0.49 9.66
C PRO A 94 -11.04 0.88 11.06
N GLY A 95 -9.76 1.24 11.16
CA GLY A 95 -9.18 1.57 12.44
C GLY A 95 -8.17 2.69 12.32
N TRP A 96 -7.78 3.22 13.48
CA TRP A 96 -6.80 4.30 13.54
C TRP A 96 -5.69 3.95 14.54
N ASP A 97 -4.46 4.31 14.16
CA ASP A 97 -3.24 4.11 14.96
C ASP A 97 -3.03 5.41 15.74
N CYS A 98 -3.33 5.37 17.04
CA CYS A 98 -3.48 6.61 17.80
C CYS A 98 -2.28 6.98 18.67
N HIS A 99 -1.40 6.03 19.00
CA HIS A 99 -0.26 6.29 19.86
C HIS A 99 0.97 6.64 19.03
N GLY A 100 2.09 6.85 19.74
CA GLY A 100 3.39 6.89 19.10
C GLY A 100 3.86 8.29 18.75
N LEU A 101 5.13 8.36 18.36
CA LEU A 101 5.77 9.57 17.88
C LEU A 101 4.99 10.25 16.76
N PRO A 102 4.33 9.53 15.83
CA PRO A 102 3.54 10.24 14.80
C PRO A 102 2.54 11.22 15.38
N ILE A 103 1.96 10.93 16.54
CA ILE A 103 1.12 11.90 17.24
C ILE A 103 1.96 12.74 18.19
N GLU A 104 2.81 12.10 19.00
CA GLU A 104 3.50 12.80 20.08
C GLU A 104 4.45 13.87 19.56
N GLN A 105 5.10 13.63 18.42
CA GLN A 105 6.04 14.62 17.90
C GLN A 105 5.33 15.92 17.50
N GLN A 106 4.10 15.81 17.00
CA GLN A 106 3.32 17.01 16.68
C GLN A 106 3.05 17.85 17.93
N ILE A 107 2.76 17.20 19.05
CA ILE A 107 2.54 17.93 20.30
C ILE A 107 3.84 18.59 20.76
N LEU A 108 4.95 17.88 20.64
CA LEU A 108 6.24 18.44 21.08
C LEU A 108 6.65 19.62 20.23
N GLU A 109 6.41 19.56 18.91
CA GLU A 109 6.70 20.69 18.06
C GLU A 109 5.78 21.87 18.35
N ARG A 110 4.52 21.60 18.69
CA ARG A 110 3.62 22.68 19.05
C ARG A 110 4.02 23.33 20.36
N LEU A 111 4.39 22.52 21.36
CA LEU A 111 4.87 23.06 22.63
C LEU A 111 6.10 23.93 22.43
N GLU A 112 7.04 23.46 21.62
CA GLU A 112 8.24 24.25 21.32
C GLU A 112 7.88 25.58 20.66
N LYS A 113 6.98 25.53 19.68
CA LYS A 113 6.58 26.76 18.97
C LYS A 113 5.86 27.72 19.90
N GLU A 114 4.94 27.22 20.73
CA GLU A 114 4.25 28.03 21.72
C GLU A 114 5.16 28.46 22.87
N LYS A 115 6.44 28.05 22.85
CA LYS A 115 7.41 28.40 23.88
C LYS A 115 6.97 27.93 25.27
N THR A 116 6.45 26.70 25.34
CA THR A 116 5.93 26.17 26.59
C THR A 116 6.39 24.75 26.84
N SER A 117 5.90 24.15 27.93
CA SER A 117 6.27 22.80 28.32
C SER A 117 5.05 22.13 28.95
N LEU A 118 5.10 20.81 29.04
CA LEU A 118 4.02 20.06 29.69
C LEU A 118 4.63 18.79 30.30
N GLU A 119 5.00 18.88 31.57
CA GLU A 119 5.71 17.81 32.26
C GLU A 119 4.80 16.80 32.95
N ASN A 120 3.53 17.14 33.16
CA ASN A 120 2.63 16.23 33.84
C ASN A 120 2.27 15.09 32.90
N PRO A 121 2.55 13.83 33.26
CA PRO A 121 2.36 12.73 32.28
C PRO A 121 0.92 12.53 31.89
N THR A 122 -0.02 12.63 32.83
CA THR A 122 -1.42 12.48 32.50
C THR A 122 -1.91 13.58 31.58
N LEU A 123 -1.53 14.83 31.88
CA LEU A 123 -1.97 15.94 31.05
C LEU A 123 -1.29 15.92 29.68
N PHE A 124 -0.03 15.50 29.64
CA PHE A 124 0.64 15.37 28.34
C PHE A 124 -0.06 14.32 27.48
N ARG A 125 -0.33 13.15 28.06
CA ARG A 125 -1.02 12.10 27.34
C ARG A 125 -2.42 12.52 26.91
N GLU A 126 -3.08 13.33 27.74
CA GLU A 126 -4.40 13.86 27.37
C GLU A 126 -4.32 14.75 26.13
N LYS A 127 -3.29 15.57 26.04
CA LYS A 127 -3.07 16.39 24.84
C LYS A 127 -2.85 15.53 23.61
N CYS A 128 -2.07 14.46 23.75
CA CYS A 128 -1.87 13.56 22.63
C CYS A 128 -3.17 12.86 22.24
N ARG A 129 -3.95 12.45 23.25
CA ARG A 129 -5.19 11.73 23.01
C ARG A 129 -6.23 12.62 22.34
N ASP A 130 -6.34 13.88 22.77
CA ASP A 130 -7.25 14.82 22.13
C ASP A 130 -6.82 15.11 20.68
N HIS A 131 -5.51 15.18 20.44
CA HIS A 131 -5.02 15.35 19.07
C HIS A 131 -5.45 14.18 18.18
N ALA A 132 -5.30 12.95 18.68
CA ALA A 132 -5.72 11.79 17.90
C ALA A 132 -7.23 11.77 17.69
N LYS A 133 -8.00 12.13 18.72
CA LYS A 133 -9.46 12.18 18.58
C LYS A 133 -9.87 13.17 17.50
N LYS A 134 -9.16 14.30 17.40
CA LYS A 134 -9.53 15.34 16.45
C LYS A 134 -9.30 14.88 15.02
N PHE A 135 -8.12 14.34 14.73
CA PHE A 135 -7.81 13.96 13.36
C PHE A 135 -8.41 12.63 12.95
N LEU A 136 -8.77 11.77 13.91
CA LEU A 136 -9.53 10.58 13.56
C LEU A 136 -10.87 10.96 12.94
N GLU A 137 -11.55 11.95 13.52
CA GLU A 137 -12.83 12.37 12.95
C GLU A 137 -12.63 13.04 11.60
N ILE A 138 -11.56 13.83 11.46
CA ILE A 138 -11.27 14.48 10.18
C ILE A 138 -10.99 13.45 9.11
N GLN A 139 -10.14 12.46 9.42
CA GLN A 139 -9.80 11.44 8.43
C GLN A 139 -10.98 10.56 8.10
N LYS A 140 -11.79 10.20 9.10
CA LYS A 140 -12.99 9.42 8.84
C LYS A 140 -13.88 10.10 7.82
N ASN A 141 -14.17 11.38 8.01
CA ASN A 141 -15.07 12.05 7.08
C ASN A 141 -14.42 12.23 5.71
N GLU A 142 -13.10 12.40 5.66
CA GLU A 142 -12.41 12.46 4.38
C GLU A 142 -12.41 11.11 3.66
N PHE A 143 -12.35 9.99 4.41
CA PHE A 143 -12.50 8.69 3.76
C PHE A 143 -13.89 8.54 3.16
N LEU A 144 -14.92 8.96 3.90
CA LEU A 144 -16.29 8.80 3.40
C LEU A 144 -16.54 9.61 2.14
N GLN A 145 -15.84 10.74 1.98
CA GLN A 145 -15.92 11.51 0.75
C GLN A 145 -15.38 10.77 -0.46
N LEU A 146 -14.68 9.65 -0.26
CA LEU A 146 -14.22 8.83 -1.37
C LEU A 146 -15.26 7.81 -1.81
N GLY A 147 -16.39 7.74 -1.14
CA GLY A 147 -17.41 6.77 -1.48
C GLY A 147 -17.16 5.37 -0.99
N VAL A 148 -16.27 5.20 0.00
CA VAL A 148 -15.94 3.88 0.51
C VAL A 148 -16.94 3.49 1.58
N LEU A 149 -17.14 2.18 1.73
CA LEU A 149 -18.10 1.63 2.68
C LEU A 149 -17.40 0.68 3.64
N GLY A 150 -17.62 0.89 4.93
CA GLY A 150 -17.06 0.07 5.99
C GLY A 150 -17.70 0.50 7.28
N ASP A 151 -17.28 -0.13 8.39
CA ASP A 151 -17.89 0.21 9.68
C ASP A 151 -17.23 1.46 10.29
N PHE A 152 -17.33 2.55 9.54
CA PHE A 152 -16.72 3.82 9.92
C PHE A 152 -17.40 4.49 11.10
N GLU A 153 -18.62 4.12 11.43
CA GLU A 153 -19.24 4.65 12.65
C GLU A 153 -18.88 3.85 13.88
N ASP A 154 -18.22 2.70 13.73
CA ASP A 154 -17.73 1.91 14.85
C ASP A 154 -16.32 1.42 14.53
N PRO A 155 -15.40 2.35 14.27
CA PRO A 155 -14.04 1.94 13.90
C PRO A 155 -13.25 1.53 15.15
N TYR A 156 -12.16 0.80 14.92
CA TYR A 156 -11.31 0.47 16.05
C TYR A 156 -10.27 1.56 16.26
N LYS A 157 -9.84 1.70 17.52
CA LYS A 157 -8.92 2.77 17.89
C LYS A 157 -7.93 2.19 18.90
N THR A 158 -6.63 2.34 18.62
CA THR A 158 -5.66 1.80 19.57
C THR A 158 -5.69 2.51 20.91
N MET A 159 -6.27 3.70 20.99
CA MET A 159 -6.37 4.42 22.25
C MET A 159 -7.63 4.06 23.05
N ASP A 160 -8.53 3.27 22.49
CA ASP A 160 -9.64 2.76 23.30
C ASP A 160 -9.09 1.93 24.45
N PHE A 161 -9.70 2.06 25.64
CA PHE A 161 -9.16 1.38 26.81
C PHE A 161 -9.10 -0.13 26.59
N LYS A 162 -10.16 -0.71 26.03
CA LYS A 162 -10.15 -2.13 25.73
C LYS A 162 -9.04 -2.50 24.74
N PHE A 163 -8.74 -1.61 23.80
CA PHE A 163 -7.67 -1.88 22.85
C PHE A 163 -6.31 -1.84 23.53
N GLU A 164 -6.08 -0.83 24.38
CA GLU A 164 -4.83 -0.78 25.15
C GLU A 164 -4.64 -2.07 25.95
N ALA A 165 -5.71 -2.58 26.56
CA ALA A 165 -5.61 -3.82 27.31
C ALA A 165 -5.28 -4.99 26.40
N SER A 166 -5.85 -5.01 25.19
CA SER A 166 -5.54 -6.06 24.22
C SER A 166 -4.08 -6.05 23.84
N ILE A 167 -3.51 -4.86 23.60
CA ILE A 167 -2.10 -4.77 23.26
C ILE A 167 -1.25 -5.31 24.41
N TYR A 168 -1.60 -4.91 25.63
CA TYR A 168 -0.88 -5.41 26.79
C TYR A 168 -1.03 -6.92 26.94
N ARG A 169 -2.23 -7.45 26.70
CA ARG A 169 -2.41 -8.90 26.76
C ARG A 169 -1.63 -9.62 25.66
N ALA A 170 -1.42 -8.97 24.50
CA ALA A 170 -0.54 -9.55 23.50
C ALA A 170 0.90 -9.61 24.00
N LEU A 171 1.36 -8.51 24.61
CA LEU A 171 2.70 -8.48 25.18
C LEU A 171 2.87 -9.57 26.24
N VAL A 172 1.86 -9.75 27.09
CA VAL A 172 1.89 -10.78 28.12
C VAL A 172 2.08 -12.16 27.50
N GLU A 173 1.40 -12.44 26.39
CA GLU A 173 1.57 -13.73 25.73
C GLU A 173 3.00 -13.94 25.27
N VAL A 174 3.65 -12.88 24.75
CA VAL A 174 5.05 -12.98 24.34
C VAL A 174 5.95 -13.22 25.54
N ALA A 175 5.70 -12.54 26.66
CA ALA A 175 6.50 -12.74 27.86
C ALA A 175 6.38 -14.16 28.39
N LYS A 176 5.15 -14.69 28.46
CA LYS A 176 4.93 -16.03 28.99
C LYS A 176 5.54 -17.12 28.12
N LYS A 177 5.81 -16.83 26.85
CA LYS A 177 6.45 -17.81 25.97
C LYS A 177 7.96 -17.65 25.95
N GLY A 178 8.52 -16.76 26.78
CA GLY A 178 9.95 -16.69 26.99
C GLY A 178 10.71 -15.86 25.99
N LEU A 179 10.03 -15.07 25.16
CA LEU A 179 10.66 -14.32 24.08
C LEU A 179 10.93 -12.86 24.43
N LEU A 180 10.49 -12.39 25.60
CA LEU A 180 10.65 -11.01 26.00
C LEU A 180 11.76 -10.93 27.05
N LYS A 181 12.91 -10.38 26.66
CA LYS A 181 14.10 -10.39 27.52
C LYS A 181 14.80 -9.05 27.48
N GLU A 182 15.48 -8.72 28.57
CA GLU A 182 16.32 -7.54 28.62
C GLU A 182 17.68 -7.84 28.01
N ARG A 183 18.21 -6.87 27.26
CA ARG A 183 19.55 -6.94 26.70
C ARG A 183 20.22 -5.58 26.87
N HIS A 184 21.53 -5.59 27.01
CA HIS A 184 22.35 -4.39 27.06
C HIS A 184 23.31 -4.44 25.88
N LYS A 185 23.17 -3.49 24.97
CA LYS A 185 23.98 -3.44 23.75
C LYS A 185 23.68 -2.12 23.04
N PRO A 186 24.59 -1.67 22.18
CA PRO A 186 24.32 -0.45 21.40
C PRO A 186 23.15 -0.69 20.45
N ILE A 187 22.24 0.28 20.41
CA ILE A 187 21.12 0.26 19.48
C ILE A 187 20.92 1.68 18.93
N TYR A 188 20.11 1.77 17.88
CA TYR A 188 19.64 3.05 17.39
C TYR A 188 19.18 3.94 18.53
N TRP A 189 19.70 5.16 18.59
CA TRP A 189 19.25 6.13 19.59
C TRP A 189 18.95 7.44 18.91
N SER A 190 17.70 7.92 19.02
CA SER A 190 17.33 9.24 18.53
C SER A 190 17.53 10.23 19.67
N TYR A 191 18.54 11.09 19.53
CA TYR A 191 18.78 12.10 20.56
C TYR A 191 17.73 13.20 20.52
N ALA A 192 17.08 13.40 19.37
CA ALA A 192 16.08 14.45 19.23
C ALA A 192 14.84 14.16 20.07
N CYS A 193 14.46 12.89 20.21
CA CYS A 193 13.35 12.54 21.09
C CYS A 193 13.79 11.71 22.29
N GLU A 194 15.10 11.60 22.52
CA GLU A 194 15.67 10.91 23.67
C GLU A 194 15.05 9.53 23.86
N SER A 195 15.16 8.70 22.82
CA SER A 195 14.52 7.40 22.84
C SER A 195 15.31 6.42 21.99
N ALA A 196 15.32 5.16 22.43
CA ALA A 196 15.71 4.08 21.54
C ALA A 196 14.73 3.99 20.37
N LEU A 197 15.19 3.36 19.29
CA LEU A 197 14.37 3.10 18.11
C LEU A 197 14.67 1.70 17.58
N ALA A 198 13.77 1.19 16.76
CA ALA A 198 13.99 -0.03 15.98
C ALA A 198 13.86 0.29 14.49
N GLU A 199 14.00 -0.75 13.64
CA GLU A 199 14.25 -0.52 12.22
C GLU A 199 13.10 0.23 11.54
N ALA A 200 11.84 -0.10 11.89
CA ALA A 200 10.70 0.54 11.24
C ALA A 200 10.61 2.03 11.55
N GLU A 201 11.31 2.50 12.58
CA GLU A 201 11.31 3.91 12.97
C GLU A 201 12.51 4.66 12.42
N VAL A 202 13.24 4.07 11.50
CA VAL A 202 14.46 4.64 10.97
C VAL A 202 14.27 4.84 9.47
N GLU A 203 14.62 6.02 8.97
CA GLU A 203 14.61 6.30 7.54
C GLU A 203 16.05 6.55 7.10
N TYR A 204 16.55 5.71 6.20
CA TYR A 204 17.91 5.86 5.68
C TYR A 204 17.92 6.94 4.61
N LYS A 205 18.77 7.95 4.80
CA LYS A 205 18.93 9.06 3.86
C LYS A 205 20.41 9.32 3.60
N MET A 206 20.70 9.92 2.44
CA MET A 206 22.06 10.32 2.14
C MET A 206 22.48 11.49 3.03
N LYS A 207 23.68 11.42 3.57
CA LYS A 207 24.16 12.43 4.49
C LYS A 207 25.67 12.57 4.29
N LYS A 208 26.18 13.79 4.37
CA LYS A 208 27.62 14.01 4.30
C LYS A 208 28.25 13.77 5.66
N SER A 209 29.49 13.30 5.65
CA SER A 209 30.17 12.89 6.87
C SER A 209 31.66 13.07 6.69
N PRO A 210 32.39 13.41 7.76
CA PRO A 210 33.84 13.31 7.71
C PRO A 210 34.26 11.86 7.48
N SER A 211 35.43 11.69 6.90
CA SER A 211 35.98 10.37 6.61
C SER A 211 37.49 10.49 6.82
N ILE A 212 38.01 9.90 7.89
CA ILE A 212 39.37 10.18 8.31
C ILE A 212 40.14 8.88 8.50
N PHE A 213 41.44 8.96 8.25
CA PHE A 213 42.39 7.88 8.48
C PHE A 213 43.35 8.32 9.58
N VAL A 214 43.41 7.55 10.67
CA VAL A 214 44.10 7.96 11.89
C VAL A 214 45.14 6.93 12.27
N ALA A 215 46.32 7.40 12.68
CA ALA A 215 47.43 6.53 13.07
C ALA A 215 47.40 6.33 14.58
N PHE A 216 47.38 5.05 15.01
CA PHE A 216 47.55 4.65 16.40
C PHE A 216 48.93 4.02 16.52
N GLY A 217 49.84 4.70 17.21
CA GLY A 217 51.19 4.19 17.35
C GLY A 217 51.27 3.04 18.35
N LEU A 218 51.98 1.98 17.98
CA LEU A 218 52.23 0.90 18.91
C LEU A 218 53.08 1.39 20.07
N LYS A 219 52.77 0.91 21.26
CA LYS A 219 53.55 1.26 22.44
C LYS A 219 54.96 0.68 22.36
N LYS A 220 55.85 1.24 23.18
CA LYS A 220 57.27 0.87 23.12
C LYS A 220 57.48 -0.63 23.28
N GLU A 221 56.77 -1.24 24.23
CA GLU A 221 56.95 -2.68 24.47
C GLU A 221 56.42 -3.52 23.32
N SER A 222 55.40 -3.04 22.62
CA SER A 222 54.89 -3.77 21.48
C SER A 222 55.82 -3.68 20.27
N LEU A 223 56.44 -2.51 20.07
CA LEU A 223 57.47 -2.40 19.02
C LEU A 223 58.63 -3.35 19.28
N GLU A 224 59.06 -3.46 20.54
CA GLU A 224 60.15 -4.37 20.89
C GLU A 224 59.77 -5.81 20.63
N LYS A 225 58.51 -6.18 20.90
CA LYS A 225 58.05 -7.53 20.63
C LYS A 225 58.01 -7.81 19.12
N LEU A 226 57.64 -6.79 18.33
CA LEU A 226 57.51 -6.95 16.89
C LEU A 226 58.83 -6.78 16.16
N LYS A 227 59.86 -6.27 16.84
CA LYS A 227 61.22 -6.14 16.31
C LYS A 227 61.34 -5.05 15.25
N VAL A 228 60.54 -3.99 15.35
CA VAL A 228 60.63 -2.86 14.42
C VAL A 228 60.77 -1.57 15.21
N LYS A 229 61.30 -0.55 14.55
CA LYS A 229 61.58 0.72 15.21
C LYS A 229 60.35 1.63 15.27
N LYS A 230 59.51 1.59 14.23
CA LYS A 230 58.31 2.40 14.15
C LYS A 230 57.19 1.57 13.57
N ALA A 231 56.00 1.68 14.16
CA ALA A 231 54.81 1.05 13.60
C ALA A 231 53.59 1.72 14.19
N SER A 232 52.66 2.11 13.33
CA SER A 232 51.37 2.67 13.71
C SER A 232 50.30 2.03 12.84
N LEU A 233 49.30 1.41 13.47
CA LEU A 233 48.14 0.91 12.74
C LEU A 233 47.26 2.07 12.30
N VAL A 234 46.82 2.04 11.05
CA VAL A 234 45.96 3.09 10.51
C VAL A 234 44.53 2.58 10.49
N ILE A 235 43.61 3.34 11.07
CA ILE A 235 42.20 3.01 11.05
C ILE A 235 41.48 4.02 10.18
N TRP A 236 40.36 3.59 9.61
CA TRP A 236 39.44 4.47 8.90
C TRP A 236 38.13 4.54 9.67
N THR A 237 37.61 5.75 9.84
CA THR A 237 36.33 5.89 10.51
C THR A 237 35.60 7.11 9.95
N THR A 238 34.27 7.03 9.96
CA THR A 238 33.41 8.17 9.68
C THR A 238 32.82 8.78 10.94
N THR A 239 33.22 8.31 12.13
CA THR A 239 32.66 8.79 13.39
C THR A 239 33.79 9.17 14.36
N PRO A 240 34.48 10.30 14.10
CA PRO A 240 35.44 10.82 15.10
C PRO A 240 34.85 10.94 16.50
N TRP A 241 33.52 11.10 16.60
CA TRP A 241 32.91 11.28 17.91
C TRP A 241 32.94 10.03 18.78
N THR A 242 33.23 8.85 18.23
CA THR A 242 33.38 7.63 19.03
C THR A 242 34.84 7.32 19.37
N LEU A 243 35.79 8.12 18.88
CA LEU A 243 37.20 7.84 19.16
C LEU A 243 37.51 7.88 20.65
N TYR A 244 36.84 8.76 21.40
CA TYR A 244 37.06 8.81 22.85
C TYR A 244 36.80 7.45 23.51
N ALA A 245 35.96 6.63 22.89
CA ALA A 245 35.50 5.37 23.46
C ALA A 245 36.22 4.17 22.87
N ASN A 246 37.31 4.40 22.15
CA ASN A 246 38.10 3.29 21.62
C ASN A 246 38.68 2.44 22.73
N VAL A 247 38.58 1.12 22.57
CA VAL A 247 39.31 0.19 23.44
C VAL A 247 40.18 -0.78 22.65
N ALA A 248 39.97 -0.95 21.36
CA ALA A 248 40.71 -1.94 20.59
C ALA A 248 40.83 -1.50 19.14
N ILE A 249 41.75 -2.15 18.43
CA ILE A 249 41.84 -2.08 16.97
C ILE A 249 41.74 -3.52 16.47
N ALA A 250 40.71 -3.79 15.68
CA ALA A 250 40.39 -5.15 15.27
C ALA A 250 40.93 -5.41 13.87
N LEU A 251 41.65 -6.52 13.72
CA LEU A 251 42.24 -6.94 12.46
C LEU A 251 41.52 -8.17 11.93
N LYS A 252 41.72 -8.44 10.63
CA LYS A 252 41.21 -9.67 10.06
C LYS A 252 42.13 -10.83 10.46
N LYS A 253 41.52 -11.93 10.91
CA LYS A 253 42.28 -13.09 11.34
C LYS A 253 43.07 -13.70 10.19
N ASP A 254 44.27 -14.18 10.50
CA ASP A 254 45.11 -14.92 9.55
C ASP A 254 45.28 -14.15 8.24
N ALA A 255 45.59 -12.86 8.35
CA ALA A 255 45.72 -12.00 7.19
C ALA A 255 47.04 -11.26 7.26
N VAL A 256 47.58 -10.90 6.08
CA VAL A 256 48.89 -10.28 5.96
C VAL A 256 48.75 -8.77 6.10
N TYR A 257 49.59 -8.17 6.95
CA TYR A 257 49.58 -6.73 7.19
C TYR A 257 50.96 -6.18 6.82
N ALA A 258 50.96 -5.11 6.02
CA ALA A 258 52.20 -4.57 5.48
C ALA A 258 52.63 -3.35 6.27
N LEU A 259 53.90 -3.32 6.64
CA LEU A 259 54.50 -2.17 7.31
C LEU A 259 55.27 -1.36 6.28
N THR A 260 55.01 -0.06 6.22
CA THR A 260 55.65 0.78 5.24
C THR A 260 56.93 1.39 5.80
N GLN A 261 57.72 2.00 4.91
CA GLN A 261 59.01 2.58 5.31
C GLN A 261 58.83 3.69 6.33
N LYS A 262 57.75 4.47 6.23
CA LYS A 262 57.49 5.50 7.21
C LYS A 262 56.82 4.97 8.48
N GLY A 263 56.51 3.68 8.52
CA GLY A 263 56.06 3.05 9.73
C GLY A 263 54.56 2.90 9.91
N TYR A 264 53.81 2.82 8.82
CA TYR A 264 52.36 2.62 8.90
C TYR A 264 52.03 1.17 8.59
N LEU A 265 51.08 0.63 9.34
CA LEU A 265 50.73 -0.78 9.31
C LEU A 265 49.28 -0.89 8.84
N VAL A 266 49.07 -1.45 7.65
CA VAL A 266 47.75 -1.59 7.05
C VAL A 266 47.66 -2.98 6.46
N ALA A 267 46.43 -3.41 6.15
CA ALA A 267 46.26 -4.66 5.42
C ALA A 267 46.99 -4.59 4.08
N LYS A 268 47.78 -5.62 3.78
CA LYS A 268 48.48 -5.70 2.52
C LYS A 268 47.52 -5.57 1.34
N ALA A 269 46.35 -6.20 1.43
CA ALA A 269 45.40 -6.17 0.32
C ALA A 269 44.85 -4.78 0.05
N LEU A 270 44.98 -3.85 1.00
CA LEU A 270 44.50 -2.49 0.84
C LEU A 270 45.62 -1.47 0.66
N HIS A 271 46.88 -1.89 0.70
CA HIS A 271 47.98 -0.92 0.65
C HIS A 271 48.00 -0.14 -0.66
N GLU A 272 47.77 -0.81 -1.79
CA GLU A 272 47.83 -0.11 -3.07
C GLU A 272 46.82 1.02 -3.11
N LYS A 273 45.56 0.72 -2.77
CA LYS A 273 44.53 1.76 -2.69
C LYS A 273 44.92 2.86 -1.72
N LEU A 274 45.44 2.49 -0.54
CA LEU A 274 45.73 3.50 0.48
C LEU A 274 46.90 4.38 0.07
N ALA A 275 47.92 3.80 -0.58
CA ALA A 275 49.01 4.62 -1.07
C ALA A 275 48.54 5.57 -2.17
N ALA A 276 47.66 5.09 -3.06
CA ALA A 276 47.11 5.94 -4.11
C ALA A 276 46.31 7.10 -3.52
N LEU A 277 45.65 6.90 -2.39
CA LEU A 277 44.95 8.00 -1.73
C LEU A 277 45.91 8.97 -1.06
N GLY A 278 47.17 8.58 -0.88
CA GLY A 278 48.07 9.36 -0.08
C GLY A 278 47.96 9.14 1.41
N VAL A 279 47.23 8.09 1.84
CA VAL A 279 47.13 7.81 3.27
C VAL A 279 48.47 7.34 3.82
N VAL A 280 49.11 6.40 3.14
CA VAL A 280 50.40 5.84 3.55
C VAL A 280 51.37 5.96 2.38
N ASP A 281 52.65 5.73 2.66
CA ASP A 281 53.66 5.74 1.62
C ASP A 281 53.70 4.40 0.89
N ASN A 282 54.37 4.38 -0.27
CA ASN A 282 54.29 3.27 -1.20
C ASN A 282 55.24 2.11 -0.89
N GLU A 283 56.33 2.34 -0.16
CA GLU A 283 57.35 1.32 0.01
C GLU A 283 57.03 0.44 1.22
N ILE A 284 56.83 -0.85 0.99
CA ILE A 284 56.59 -1.82 2.06
C ILE A 284 57.93 -2.42 2.47
N THR A 285 58.20 -2.46 3.77
CA THR A 285 59.45 -3.00 4.29
C THR A 285 59.31 -4.38 4.91
N HIS A 286 58.14 -4.68 5.49
CA HIS A 286 57.90 -5.92 6.21
C HIS A 286 56.44 -6.29 6.09
N GLU A 287 56.19 -7.60 6.17
CA GLU A 287 54.84 -8.14 6.18
C GLU A 287 54.69 -9.03 7.39
N PHE A 288 53.55 -8.91 8.06
CA PHE A 288 53.27 -9.66 9.28
C PHE A 288 51.91 -10.32 9.16
N ASN A 289 51.80 -11.50 9.78
CA ASN A 289 50.49 -12.11 9.95
C ASN A 289 49.78 -11.49 11.14
N SER A 290 48.49 -11.20 10.97
CA SER A 290 47.70 -10.60 12.04
C SER A 290 47.65 -11.47 13.29
N ASN A 291 47.74 -12.79 13.12
CA ASN A 291 47.82 -13.67 14.29
C ASN A 291 48.98 -13.31 15.20
N ASP A 292 50.07 -12.78 14.64
CA ASP A 292 51.23 -12.39 15.43
C ASP A 292 51.13 -10.95 15.94
N LEU A 293 50.10 -10.20 15.53
CA LEU A 293 49.86 -8.87 16.04
C LEU A 293 48.84 -8.82 17.17
N GLU A 294 48.05 -9.89 17.34
CA GLU A 294 47.05 -9.91 18.39
C GLU A 294 47.71 -9.80 19.76
N TYR A 295 47.10 -9.01 20.64
CA TYR A 295 47.53 -8.67 22.01
C TYR A 295 48.70 -7.70 22.06
N LEU A 296 49.21 -7.20 20.94
CA LEU A 296 50.00 -5.98 21.01
C LEU A 296 49.09 -4.83 21.46
N VAL A 297 49.71 -3.70 21.81
CA VAL A 297 48.97 -2.57 22.35
C VAL A 297 49.41 -1.30 21.63
N ALA A 298 48.44 -0.44 21.31
CA ALA A 298 48.72 0.85 20.67
C ALA A 298 48.23 1.97 21.58
N THR A 299 48.48 3.21 21.15
CA THR A 299 48.13 4.39 21.91
C THR A 299 47.15 5.25 21.13
N ASN A 300 46.00 5.53 21.75
CA ASN A 300 45.00 6.41 21.18
C ASN A 300 45.56 7.82 21.05
N PRO A 301 45.69 8.39 19.85
CA PRO A 301 46.24 9.74 19.73
C PRO A 301 45.32 10.82 20.26
N LEU A 302 44.04 10.53 20.48
CA LEU A 302 43.13 11.55 21.00
C LEU A 302 43.29 11.75 22.50
N ASN A 303 43.47 10.67 23.26
CA ASN A 303 43.48 10.78 24.71
C ASN A 303 44.59 9.99 25.39
N GLN A 304 45.54 9.43 24.62
CA GLN A 304 46.72 8.69 25.09
C GLN A 304 46.39 7.37 25.77
N ARG A 305 45.17 6.86 25.63
CA ARG A 305 44.80 5.61 26.29
C ARG A 305 45.28 4.40 25.49
N ASP A 306 45.45 3.29 26.20
CA ASP A 306 45.83 2.04 25.55
C ASP A 306 44.74 1.57 24.61
N SER A 307 45.15 0.87 23.56
CA SER A 307 44.21 0.24 22.62
C SER A 307 44.73 -1.14 22.30
N LEU A 308 43.92 -2.17 22.60
CA LEU A 308 44.35 -3.54 22.38
C LEU A 308 44.25 -3.92 20.90
N VAL A 309 45.29 -4.55 20.37
CA VAL A 309 45.21 -5.07 19.01
C VAL A 309 44.49 -6.42 19.09
N ALA A 310 43.33 -6.50 18.47
CA ALA A 310 42.48 -7.68 18.57
C ALA A 310 42.19 -8.22 17.18
N LEU A 311 41.59 -9.40 17.15
CA LEU A 311 41.19 -10.05 15.91
C LEU A 311 39.67 -10.08 15.87
N GLY A 312 39.09 -9.46 14.84
CA GLY A 312 37.66 -9.34 14.71
C GLY A 312 37.11 -10.35 13.72
N GLU A 313 35.93 -10.88 14.02
CA GLU A 313 35.23 -11.74 13.09
C GLU A 313 34.66 -10.90 11.94
N HIS A 314 34.93 -11.31 10.71
CA HIS A 314 34.42 -10.63 9.52
C HIS A 314 34.88 -9.17 9.48
N VAL A 315 36.17 -8.94 9.68
CA VAL A 315 36.78 -7.66 9.35
C VAL A 315 37.00 -7.63 7.84
N GLY A 316 36.36 -6.68 7.17
CA GLY A 316 36.39 -6.66 5.72
C GLY A 316 37.63 -5.99 5.16
N LEU A 317 37.97 -6.37 3.94
CA LEU A 317 39.10 -5.77 3.21
C LEU A 317 38.64 -5.03 1.96
N GLU A 318 37.35 -4.70 1.87
CA GLU A 318 36.85 -3.97 0.70
C GLU A 318 37.15 -2.49 0.80
N ASP A 319 36.92 -1.90 1.98
CA ASP A 319 37.17 -0.49 2.22
C ASP A 319 37.92 -0.32 3.53
N GLY A 320 38.25 0.92 3.86
CA GLY A 320 39.03 1.16 5.05
C GLY A 320 40.46 0.67 4.88
N THR A 321 41.04 0.21 5.99
CA THR A 321 42.44 -0.16 6.06
C THR A 321 42.68 -1.60 6.49
N GLY A 322 41.65 -2.33 6.88
CA GLY A 322 41.82 -3.62 7.51
C GLY A 322 42.07 -3.55 9.00
N ALA A 323 42.07 -2.36 9.58
CA ALA A 323 42.20 -2.18 11.02
C ALA A 323 41.06 -1.29 11.46
N VAL A 324 40.23 -1.79 12.37
CA VAL A 324 38.94 -1.19 12.69
C VAL A 324 38.99 -0.65 14.10
N HIS A 325 38.82 0.67 14.23
CA HIS A 325 38.64 1.30 15.54
C HIS A 325 37.40 0.72 16.21
N THR A 326 37.58 0.18 17.41
CA THR A 326 36.53 -0.58 18.09
C THR A 326 36.07 0.18 19.33
N ALA A 327 34.78 0.53 19.36
CA ALA A 327 34.17 1.30 20.44
C ALA A 327 32.92 0.56 20.91
N PRO A 328 33.05 -0.34 21.89
CA PRO A 328 31.91 -1.15 22.32
C PRO A 328 30.68 -0.36 22.76
N GLY A 329 30.85 0.85 23.27
CA GLY A 329 29.68 1.63 23.66
C GLY A 329 28.85 2.16 22.52
N HIS A 330 29.33 2.08 21.27
CA HIS A 330 28.65 2.76 20.18
C HIS A 330 28.55 1.93 18.90
N GLY A 331 28.82 0.63 18.95
CA GLY A 331 28.65 -0.22 17.79
C GLY A 331 28.36 -1.64 18.25
N GLU A 332 27.35 -2.29 17.66
CA GLU A 332 26.93 -3.59 18.18
C GLU A 332 28.03 -4.65 18.03
N GLU A 333 28.68 -4.71 16.85
CA GLU A 333 29.73 -5.71 16.71
C GLU A 333 30.94 -5.35 17.56
N ASP A 334 31.24 -4.05 17.72
CA ASP A 334 32.25 -3.62 18.66
C ASP A 334 31.94 -4.11 20.07
N TYR A 335 30.66 -4.02 20.47
CA TYR A 335 30.27 -4.45 21.81
C TYR A 335 30.61 -5.92 22.05
N TYR A 336 30.24 -6.80 21.12
CA TYR A 336 30.50 -8.22 21.32
C TYR A 336 31.99 -8.52 21.34
N LEU A 337 32.77 -7.80 20.53
CA LEU A 337 34.22 -8.00 20.54
C LEU A 337 34.82 -7.57 21.86
N GLY A 338 34.41 -6.41 22.38
CA GLY A 338 34.89 -5.97 23.68
C GLY A 338 34.63 -6.99 24.77
N LEU A 339 33.44 -7.59 24.75
CA LEU A 339 33.11 -8.61 25.75
C LEU A 339 33.96 -9.86 25.58
N ARG A 340 34.21 -10.28 24.33
CA ARG A 340 35.05 -11.45 24.12
C ARG A 340 36.45 -11.23 24.68
N TYR A 341 36.95 -10.00 24.66
CA TYR A 341 38.24 -9.68 25.21
C TYR A 341 38.17 -9.07 26.61
N ASN A 342 36.99 -9.04 27.22
CA ASN A 342 36.81 -8.51 28.57
C ASN A 342 37.35 -7.08 28.67
N LEU A 343 36.99 -6.25 27.69
CA LEU A 343 37.43 -4.87 27.66
C LEU A 343 36.35 -3.95 28.23
N GLU A 344 36.74 -2.70 28.49
CA GLU A 344 35.81 -1.72 29.02
C GLU A 344 34.76 -1.35 27.97
N VAL A 345 33.53 -1.14 28.42
CA VAL A 345 32.50 -0.54 27.60
C VAL A 345 32.46 0.94 27.96
N LEU A 346 33.11 1.77 27.15
CA LEU A 346 33.15 3.21 27.39
C LEU A 346 31.96 3.84 26.69
N MET A 347 31.10 4.51 27.45
CA MET A 347 29.91 5.12 26.86
C MET A 347 29.55 6.33 27.71
N SER A 348 29.98 7.51 27.27
CA SER A 348 29.80 8.73 28.04
C SER A 348 29.00 9.76 27.24
N VAL A 349 28.04 9.28 26.46
CA VAL A 349 27.12 10.12 25.69
C VAL A 349 25.73 9.93 26.29
N ASP A 350 25.09 11.04 26.66
CA ASP A 350 23.82 10.98 27.37
C ASP A 350 22.66 10.80 26.38
N GLU A 351 21.44 10.86 26.91
CA GLU A 351 20.24 10.61 26.13
C GLU A 351 19.99 11.68 25.09
N LYS A 352 20.58 12.86 25.25
CA LYS A 352 20.45 13.96 24.31
C LYS A 352 21.61 14.02 23.33
N GLY A 353 22.47 13.00 23.31
CA GLY A 353 23.55 12.95 22.35
C GLY A 353 24.74 13.80 22.68
N CYS A 354 24.89 14.18 23.96
CA CYS A 354 25.97 15.05 24.41
C CYS A 354 26.91 14.29 25.34
N TYR A 355 28.18 14.65 25.27
CA TYR A 355 29.17 14.09 26.18
C TYR A 355 28.83 14.46 27.62
N ASP A 356 28.92 13.49 28.53
CA ASP A 356 28.64 13.75 29.94
C ASP A 356 29.92 13.59 30.77
N GLU A 357 29.75 13.65 32.09
CA GLU A 357 30.88 13.72 33.02
C GLU A 357 31.78 12.50 32.96
N GLY A 358 31.32 11.40 32.35
CA GLY A 358 32.16 10.22 32.19
C GLY A 358 33.44 10.47 31.40
N ILE A 359 33.47 11.48 30.54
CA ILE A 359 34.70 11.76 29.81
C ILE A 359 35.76 12.34 30.75
N ILE A 360 35.32 13.00 31.83
CA ILE A 360 36.24 13.53 32.83
C ILE A 360 36.67 12.43 33.80
N HIS A 361 35.68 11.74 34.38
CA HIS A 361 35.99 10.71 35.38
C HIS A 361 36.87 9.61 34.81
N ASN A 362 36.72 9.30 33.51
CA ASN A 362 37.47 8.23 32.88
C ASN A 362 38.66 8.72 32.05
N GLN A 363 38.90 10.03 31.99
CA GLN A 363 40.00 10.60 31.22
C GLN A 363 39.93 10.20 29.75
N LEU A 364 38.75 10.34 29.17
CA LEU A 364 38.52 9.91 27.78
C LEU A 364 38.62 11.04 26.78
N LEU A 365 38.33 12.27 27.20
CA LEU A 365 38.23 13.40 26.31
C LEU A 365 38.35 14.64 27.15
N ASP A 366 38.93 15.70 26.58
CA ASP A 366 39.19 16.90 27.35
C ASP A 366 37.90 17.51 27.89
N GLU A 367 38.01 18.13 29.06
CA GLU A 367 36.84 18.65 29.79
C GLU A 367 36.08 19.71 29.02
N SER A 368 36.74 20.42 28.10
CA SER A 368 36.04 21.42 27.30
C SER A 368 34.91 20.82 26.46
N TYR A 369 34.94 19.51 26.21
CA TYR A 369 33.87 18.90 25.43
C TYR A 369 32.62 18.59 26.25
N LEU A 370 32.66 18.77 27.56
CA LEU A 370 31.52 18.42 28.41
C LEU A 370 30.26 19.14 27.96
N GLY A 371 29.19 18.37 27.74
CA GLY A 371 27.92 18.93 27.31
C GLY A 371 27.77 19.16 25.82
N GLU A 372 28.84 18.99 25.04
CA GLU A 372 28.76 19.20 23.59
C GLU A 372 28.07 18.04 22.91
N HIS A 373 27.26 18.36 21.89
CA HIS A 373 26.67 17.32 21.07
C HIS A 373 27.75 16.63 20.24
N VAL A 374 27.64 15.31 20.12
CA VAL A 374 28.71 14.53 19.51
C VAL A 374 28.97 14.95 18.08
N PHE A 375 27.91 15.30 17.32
CA PHE A 375 28.12 15.73 15.93
C PHE A 375 28.73 17.12 15.84
N LYS A 376 28.45 18.01 16.78
CA LYS A 376 29.08 19.33 16.79
C LYS A 376 30.54 19.25 17.19
N ALA A 377 30.90 18.27 18.01
CA ALA A 377 32.26 18.17 18.52
C ALA A 377 33.25 17.62 17.50
N GLN A 378 32.79 17.04 16.39
CA GLN A 378 33.68 16.30 15.50
C GLN A 378 34.72 17.19 14.84
N LYS A 379 34.35 18.41 14.47
CA LYS A 379 35.33 19.27 13.80
C LYS A 379 36.50 19.59 14.72
N ARG A 380 36.22 19.86 15.99
CA ARG A 380 37.30 20.15 16.93
C ARG A 380 38.09 18.89 17.27
N ILE A 381 37.42 17.73 17.32
CA ILE A 381 38.14 16.48 17.59
C ILE A 381 39.13 16.21 16.47
N ILE A 382 38.71 16.37 15.22
CA ILE A 382 39.57 16.11 14.07
C ILE A 382 40.83 16.99 14.13
N GLU A 383 40.66 18.27 14.47
CA GLU A 383 41.82 19.15 14.59
C GLU A 383 42.75 18.72 15.71
N GLN A 384 42.19 18.23 16.81
CA GLN A 384 43.00 17.80 17.94
C GLN A 384 43.87 16.59 17.61
N LEU A 385 43.56 15.86 16.54
CA LEU A 385 44.34 14.66 16.21
C LEU A 385 45.74 14.99 15.73
N GLY A 386 45.96 16.20 15.22
CA GLY A 386 47.30 16.62 14.85
C GLY A 386 47.91 15.75 13.77
N ASP A 387 49.19 15.42 13.97
CA ASP A 387 49.93 14.61 13.00
C ASP A 387 49.42 13.18 12.91
N SER A 388 48.59 12.73 13.84
CA SER A 388 48.04 11.40 13.73
C SER A 388 47.00 11.30 12.62
N LEU A 389 46.43 12.43 12.21
CA LEU A 389 45.47 12.48 11.11
C LEU A 389 46.23 12.41 9.79
N LEU A 390 46.12 11.28 9.10
CA LEU A 390 46.86 11.07 7.86
C LEU A 390 46.12 11.56 6.63
N LEU A 391 44.79 11.52 6.65
CA LEU A 391 43.98 12.02 5.55
C LEU A 391 42.57 12.29 6.04
N GLU A 392 42.01 13.45 5.68
CA GLU A 392 40.62 13.77 5.94
C GLU A 392 39.89 13.97 4.61
N GLN A 393 38.79 13.25 4.43
CA GLN A 393 37.89 13.46 3.31
C GLN A 393 36.51 13.82 3.83
N GLU A 394 35.64 14.20 2.91
CA GLU A 394 34.21 14.24 3.16
C GLU A 394 33.56 13.27 2.20
N ILE A 395 32.68 12.41 2.71
CA ILE A 395 32.01 11.42 1.90
C ILE A 395 30.51 11.57 2.09
N GLU A 396 29.76 10.86 1.24
CA GLU A 396 28.32 10.78 1.34
C GLU A 396 27.96 9.31 1.55
N HIS A 397 27.03 9.04 2.45
CA HIS A 397 26.61 7.67 2.72
C HIS A 397 25.16 7.66 3.19
N SER A 398 24.52 6.51 3.02
CA SER A 398 23.15 6.34 3.48
C SER A 398 23.16 6.11 4.98
N TYR A 399 22.46 6.98 5.72
CA TYR A 399 22.59 7.02 7.18
C TYR A 399 21.23 7.03 7.84
N PRO A 400 21.08 6.32 8.97
CA PRO A 400 19.76 6.20 9.61
C PRO A 400 19.34 7.51 10.27
N HIS A 401 18.11 7.94 9.97
CA HIS A 401 17.50 9.11 10.59
C HIS A 401 16.21 8.72 11.28
N CYS A 402 15.88 9.47 12.33
CA CYS A 402 14.63 9.28 13.05
C CYS A 402 13.43 9.57 12.16
N TRP A 403 12.45 8.66 12.17
CA TRP A 403 11.33 8.77 11.25
C TRP A 403 10.45 10.00 11.48
N ARG A 404 10.44 10.56 12.68
CA ARG A 404 9.55 11.70 12.93
C ARG A 404 10.28 12.99 13.25
N THR A 405 11.44 12.95 13.90
CA THR A 405 12.22 14.17 14.07
C THR A 405 13.10 14.47 12.87
N HIS A 406 13.35 13.48 12.02
CA HIS A 406 14.19 13.57 10.82
C HIS A 406 15.65 13.88 11.15
N LYS A 407 16.05 13.72 12.40
CA LYS A 407 17.45 13.96 12.70
C LYS A 407 18.25 12.65 12.68
N PRO A 408 19.54 12.71 12.36
CA PRO A 408 20.34 11.47 12.35
C PRO A 408 20.35 10.83 13.73
N VAL A 409 20.28 9.50 13.75
CA VAL A 409 20.35 8.78 15.00
C VAL A 409 21.81 8.52 15.33
N ILE A 410 22.07 8.15 16.58
CA ILE A 410 23.37 7.63 16.98
C ILE A 410 23.15 6.24 17.55
N TYR A 411 24.21 5.64 18.09
CA TYR A 411 24.14 4.35 18.75
C TYR A 411 24.65 4.51 20.17
N ARG A 412 23.89 4.00 21.15
CA ARG A 412 24.28 4.04 22.56
C ARG A 412 24.06 2.66 23.17
N ALA A 413 25.07 2.17 23.88
CA ALA A 413 24.87 1.00 24.74
C ALA A 413 23.87 1.35 25.83
N THR A 414 22.78 0.57 25.90
CA THR A 414 21.70 0.85 26.83
C THR A 414 20.99 -0.47 27.10
N THR A 415 20.29 -0.54 28.22
CA THR A 415 19.51 -1.71 28.56
C THR A 415 18.08 -1.49 28.08
N GLN A 416 17.60 -2.40 27.22
CA GLN A 416 16.27 -2.28 26.65
C GLN A 416 15.63 -3.66 26.61
N TRP A 417 14.33 -3.67 26.33
CA TRP A 417 13.54 -4.90 26.24
C TRP A 417 13.41 -5.32 24.78
N PHE A 418 13.52 -6.62 24.52
CA PHE A 418 13.58 -7.15 23.17
C PHE A 418 12.66 -8.35 23.01
N ILE A 419 12.09 -8.52 21.82
CA ILE A 419 11.57 -9.81 21.39
C ILE A 419 12.70 -10.53 20.66
N LEU A 420 13.07 -11.71 21.15
CA LEU A 420 14.18 -12.46 20.59
C LEU A 420 13.75 -13.25 19.36
N MET A 421 14.59 -13.21 18.32
CA MET A 421 14.33 -13.88 17.05
C MET A 421 14.91 -15.29 16.97
N ASP A 422 15.97 -15.59 17.73
CA ASP A 422 16.66 -16.86 17.59
C ASP A 422 16.63 -17.65 18.89
N GLU A 423 15.61 -17.40 19.72
CA GLU A 423 15.40 -18.09 20.97
C GLU A 423 14.31 -19.13 20.79
N PRO A 424 14.62 -20.42 20.90
CA PRO A 424 13.57 -21.44 20.79
C PRO A 424 12.48 -21.23 21.84
N PHE A 425 11.23 -21.40 21.43
CA PHE A 425 10.10 -21.33 22.33
C PHE A 425 9.10 -22.43 21.99
N ILE A 426 8.24 -22.73 22.96
CA ILE A 426 7.30 -23.84 22.84
C ILE A 426 6.18 -23.44 21.87
N GLN A 427 5.98 -24.26 20.84
CA GLN A 427 4.93 -24.02 19.87
C GLN A 427 3.59 -24.50 20.42
N ASN A 428 2.51 -23.97 19.84
CA ASN A 428 1.19 -24.36 20.30
C ASN A 428 0.94 -25.86 20.12
N ASP A 429 1.59 -26.48 19.13
CA ASP A 429 1.45 -27.91 18.93
C ASP A 429 2.41 -28.73 19.77
N GLY A 430 3.26 -28.10 20.59
CA GLY A 430 4.17 -28.80 21.47
C GLY A 430 5.60 -28.88 21.00
N SER A 431 5.87 -28.55 19.74
CA SER A 431 7.22 -28.60 19.21
C SER A 431 8.02 -27.38 19.66
N GLN A 432 9.28 -27.31 19.22
CA GLN A 432 10.22 -26.27 19.66
C GLN A 432 10.84 -25.62 18.44
N LYS A 433 10.68 -24.30 18.31
CA LYS A 433 11.16 -23.54 17.17
C LYS A 433 11.49 -22.13 17.61
N THR A 434 12.35 -21.45 16.84
CA THR A 434 12.61 -20.04 17.07
C THR A 434 11.59 -19.20 16.30
N LEU A 435 11.48 -17.93 16.70
CA LEU A 435 10.54 -17.03 16.05
C LEU A 435 10.93 -16.83 14.58
N ARG A 436 12.22 -16.71 14.28
CA ARG A 436 12.65 -16.59 12.90
C ARG A 436 12.23 -17.82 12.09
N GLU A 437 12.34 -19.01 12.68
CA GLU A 437 11.92 -20.23 11.98
C GLU A 437 10.42 -20.25 11.75
N VAL A 438 9.63 -19.87 12.75
CA VAL A 438 8.18 -19.88 12.59
C VAL A 438 7.74 -18.86 11.54
N ALA A 439 8.34 -17.67 11.57
CA ALA A 439 7.93 -16.61 10.65
C ALA A 439 8.27 -16.96 9.21
N LEU A 440 9.43 -17.60 8.99
CA LEU A 440 9.78 -18.01 7.63
C LEU A 440 8.83 -19.11 7.14
N ASP A 441 8.48 -20.07 8.01
CA ASP A 441 7.48 -21.08 7.65
C ASP A 441 6.12 -20.44 7.36
N ALA A 442 5.73 -19.46 8.17
CA ALA A 442 4.43 -18.80 8.02
C ALA A 442 4.34 -18.04 6.70
N ILE A 443 5.40 -17.35 6.32
CA ILE A 443 5.40 -16.55 5.09
C ILE A 443 5.10 -17.43 3.88
N GLU A 444 5.59 -18.67 3.90
CA GLU A 444 5.38 -19.59 2.79
C GLU A 444 3.91 -19.96 2.60
N LYS A 445 3.07 -19.78 3.63
CA LYS A 445 1.67 -20.12 3.51
C LYS A 445 0.79 -18.92 3.14
N VAL A 446 1.39 -17.76 2.90
CA VAL A 446 0.65 -16.54 2.59
C VAL A 446 0.73 -16.28 1.09
N GLU A 447 -0.39 -15.87 0.51
CA GLU A 447 -0.44 -15.45 -0.88
C GLU A 447 -0.07 -13.96 -0.96
N PHE A 448 0.91 -13.63 -1.80
CA PHE A 448 1.33 -12.25 -1.99
C PHE A 448 0.95 -11.79 -3.39
N VAL A 449 0.33 -10.61 -3.49
CA VAL A 449 -0.03 -10.04 -4.78
C VAL A 449 0.56 -8.64 -4.88
N PRO A 450 1.59 -8.43 -5.71
CA PRO A 450 2.28 -9.38 -6.58
C PRO A 450 3.10 -10.41 -5.81
N SER A 451 3.37 -11.56 -6.42
CA SER A 451 4.15 -12.62 -5.78
C SER A 451 5.49 -12.13 -5.26
N SER A 452 6.08 -11.13 -5.93
CA SER A 452 7.40 -10.63 -5.56
C SER A 452 7.44 -10.12 -4.13
N GLY A 453 6.30 -9.66 -3.60
CA GLY A 453 6.30 -9.18 -2.22
C GLY A 453 6.76 -10.21 -1.22
N LYS A 454 6.56 -11.50 -1.53
CA LYS A 454 6.92 -12.57 -0.59
C LYS A 454 8.40 -12.51 -0.25
N ASN A 455 9.26 -12.43 -1.26
CA ASN A 455 10.69 -12.44 -0.97
C ASN A 455 11.18 -11.13 -0.38
N ARG A 456 10.48 -10.02 -0.63
CA ARG A 456 10.82 -8.78 0.07
C ARG A 456 10.66 -8.98 1.57
N LEU A 457 9.51 -9.52 2.00
CA LEU A 457 9.31 -9.76 3.42
C LEU A 457 10.20 -10.89 3.93
N LYS A 458 10.37 -11.94 3.13
CA LYS A 458 11.20 -13.08 3.54
C LYS A 458 12.65 -12.65 3.80
N THR A 459 13.22 -11.84 2.91
CA THR A 459 14.58 -11.37 3.11
C THR A 459 14.71 -10.56 4.38
N MET A 460 13.71 -9.74 4.70
CA MET A 460 13.73 -8.97 5.93
C MET A 460 13.75 -9.88 7.15
N ILE A 461 12.89 -10.91 7.16
CA ILE A 461 12.82 -11.82 8.30
C ILE A 461 14.13 -12.61 8.42
N GLU A 462 14.72 -12.99 7.28
CA GLU A 462 15.99 -13.73 7.31
C GLU A 462 17.08 -12.92 7.98
N ASN A 463 17.07 -11.60 7.82
CA ASN A 463 18.20 -10.76 8.20
C ASN A 463 17.95 -9.91 9.44
N ARG A 464 16.72 -9.86 9.96
CA ARG A 464 16.41 -8.89 10.98
C ARG A 464 17.03 -9.29 12.33
N PRO A 465 17.34 -8.33 13.19
CA PRO A 465 17.88 -8.66 14.51
C PRO A 465 16.76 -8.83 15.52
N ASP A 466 17.11 -9.01 16.79
CA ASP A 466 16.11 -8.94 17.85
C ASP A 466 15.39 -7.59 17.80
N TRP A 467 14.10 -7.61 18.17
CA TRP A 467 13.21 -6.46 18.07
C TRP A 467 13.17 -5.68 19.38
N CYS A 468 13.78 -4.49 19.39
CA CYS A 468 13.73 -3.63 20.59
C CYS A 468 12.35 -3.02 20.74
N LEU A 469 11.68 -3.34 21.85
CA LEU A 469 10.30 -2.93 22.12
C LEU A 469 10.17 -1.68 22.96
N SER A 470 11.16 -1.34 23.80
CA SER A 470 10.98 -0.34 24.83
C SER A 470 11.34 1.06 24.32
N ARG A 471 10.47 2.03 24.61
CA ARG A 471 10.62 3.41 24.18
C ARG A 471 10.53 4.33 25.39
N GLN A 472 11.18 5.49 25.31
CA GLN A 472 11.27 6.39 26.46
C GLN A 472 10.37 7.61 26.32
N ARG A 473 9.30 7.51 25.52
CA ARG A 473 8.26 8.52 25.44
C ARG A 473 7.10 8.13 26.34
N LYS A 474 6.07 8.97 26.35
CA LYS A 474 4.94 8.78 27.24
C LYS A 474 3.66 8.32 26.55
N TRP A 475 3.47 8.64 25.28
CA TRP A 475 2.19 8.38 24.59
C TRP A 475 2.24 7.00 23.94
N GLY A 476 1.74 6.02 24.66
CA GLY A 476 1.67 4.65 24.18
C GLY A 476 1.29 3.75 25.33
N VAL A 477 1.32 2.45 25.04
CA VAL A 477 1.00 1.41 26.03
C VAL A 477 2.27 1.08 26.79
N PRO A 478 2.28 1.19 28.13
CA PRO A 478 3.50 0.87 28.88
C PRO A 478 3.79 -0.62 28.89
N LEU A 479 5.08 -0.95 28.94
CA LEU A 479 5.52 -2.32 29.25
C LEU A 479 5.29 -2.53 30.73
N ALA A 480 4.01 -2.73 31.08
CA ALA A 480 3.55 -2.60 32.46
C ALA A 480 3.85 -3.87 33.25
N PHE A 481 5.13 -4.06 33.54
CA PHE A 481 5.58 -5.12 34.43
C PHE A 481 6.32 -4.50 35.62
N PHE A 482 6.31 -5.23 36.73
CA PHE A 482 7.05 -4.82 37.90
C PHE A 482 8.38 -5.57 37.94
N ILE A 483 9.39 -4.91 38.47
CA ILE A 483 10.66 -5.54 38.76
C ILE A 483 10.69 -5.85 40.24
N ASP A 484 10.94 -7.11 40.59
CA ASP A 484 11.13 -7.48 41.99
C ASP A 484 12.54 -7.07 42.40
N LYS A 485 12.64 -6.13 43.35
CA LYS A 485 13.96 -5.69 43.80
C LYS A 485 14.73 -6.82 44.46
N ARG A 486 14.02 -7.74 45.13
CA ARG A 486 14.70 -8.88 45.74
C ARG A 486 15.38 -9.76 44.69
N THR A 487 14.80 -9.84 43.49
CA THR A 487 15.33 -10.66 42.41
C THR A 487 16.00 -9.86 41.30
N ASN A 488 15.67 -8.58 41.15
CA ASN A 488 16.06 -7.77 40.00
C ASN A 488 15.60 -8.39 38.68
N LYS A 489 14.54 -9.19 38.74
CA LYS A 489 13.91 -9.79 37.57
C LYS A 489 12.45 -9.36 37.47
N PRO A 490 11.87 -9.37 36.28
CA PRO A 490 10.47 -8.95 36.16
C PRO A 490 9.52 -10.00 36.70
N CYS A 491 8.38 -9.54 37.19
CA CYS A 491 7.33 -10.44 37.68
C CYS A 491 6.37 -10.75 36.54
N PHE A 492 6.34 -12.01 36.12
CA PHE A 492 5.41 -12.50 35.12
C PHE A 492 4.35 -13.43 35.70
N GLU A 493 4.08 -13.33 37.00
CA GLU A 493 3.04 -14.15 37.61
C GLU A 493 1.68 -13.78 37.03
N SER A 494 0.89 -14.79 36.69
CA SER A 494 -0.35 -14.56 35.95
C SER A 494 -1.32 -13.69 36.72
N GLU A 495 -1.39 -13.83 38.05
CA GLU A 495 -2.34 -13.04 38.83
C GLU A 495 -2.00 -11.56 38.77
N VAL A 496 -0.71 -11.22 38.75
CA VAL A 496 -0.30 -9.82 38.66
C VAL A 496 -0.61 -9.27 37.28
N LEU A 497 -0.28 -10.03 36.23
CA LEU A 497 -0.45 -9.53 34.86
C LEU A 497 -1.92 -9.39 34.49
N GLU A 498 -2.75 -10.35 34.92
CA GLU A 498 -4.17 -10.25 34.63
C GLU A 498 -4.82 -9.12 35.42
N HIS A 499 -4.33 -8.84 36.63
CA HIS A 499 -4.86 -7.73 37.41
C HIS A 499 -4.59 -6.40 36.74
N VAL A 500 -3.37 -6.21 36.22
CA VAL A 500 -3.04 -4.98 35.51
C VAL A 500 -3.82 -4.89 34.20
N ALA A 501 -3.95 -6.01 33.47
CA ALA A 501 -4.70 -6.00 32.22
C ALA A 501 -6.15 -5.60 32.44
N ASN A 502 -6.77 -6.12 33.51
CA ASN A 502 -8.15 -5.76 33.81
C ASN A 502 -8.28 -4.28 34.16
N LEU A 503 -7.31 -3.73 34.91
CA LEU A 503 -7.33 -2.31 35.20
C LEU A 503 -7.25 -1.50 33.92
N PHE A 504 -6.37 -1.90 33.00
CA PHE A 504 -6.26 -1.18 31.72
C PHE A 504 -7.58 -1.23 30.95
N GLU A 505 -8.25 -2.38 30.94
CA GLU A 505 -9.48 -2.50 30.15
C GLU A 505 -10.56 -1.57 30.65
N LYS A 506 -10.62 -1.34 31.97
CA LYS A 506 -11.65 -0.50 32.56
C LYS A 506 -11.26 0.97 32.61
N LYS A 507 -9.98 1.27 32.86
CA LYS A 507 -9.56 2.64 33.09
C LYS A 507 -8.53 3.17 32.09
N GLY A 508 -7.99 2.31 31.22
CA GLY A 508 -6.92 2.73 30.34
C GLY A 508 -5.58 2.81 31.06
N CYS A 509 -4.54 3.09 30.28
CA CYS A 509 -3.18 2.99 30.79
C CYS A 509 -2.73 4.19 31.62
N ASP A 510 -3.55 5.24 31.76
CA ASP A 510 -3.16 6.37 32.61
C ASP A 510 -2.82 5.91 34.02
N VAL A 511 -3.50 4.86 34.51
CA VAL A 511 -3.32 4.43 35.89
C VAL A 511 -1.88 3.97 36.14
N TRP A 512 -1.18 3.52 35.10
CA TRP A 512 0.20 3.05 35.30
C TRP A 512 1.10 4.18 35.78
N TRP A 513 0.80 5.42 35.38
CA TRP A 513 1.49 6.60 35.90
C TRP A 513 0.89 7.12 37.19
N GLU A 514 -0.43 7.04 37.36
CA GLU A 514 -1.10 7.68 38.49
C GLU A 514 -1.18 6.80 39.74
N TYR A 515 -1.50 5.51 39.59
CA TYR A 515 -1.69 4.67 40.77
C TYR A 515 -0.34 4.36 41.43
N SER A 516 -0.40 4.07 42.72
CA SER A 516 0.78 3.57 43.42
C SER A 516 1.00 2.11 43.05
N VAL A 517 2.22 1.64 43.31
CA VAL A 517 2.54 0.22 43.11
C VAL A 517 1.53 -0.65 43.85
N LYS A 518 1.20 -0.28 45.09
CA LYS A 518 0.26 -1.08 45.87
C LYS A 518 -1.11 -1.12 45.19
N ASP A 519 -1.60 0.03 44.72
CA ASP A 519 -2.89 0.08 44.06
C ASP A 519 -2.92 -0.68 42.73
N LEU A 520 -1.75 -0.97 42.14
CA LEU A 520 -1.66 -1.69 40.89
C LEU A 520 -1.41 -3.19 41.08
N LEU A 521 -1.34 -3.66 42.31
CA LEU A 521 -1.09 -5.05 42.60
C LEU A 521 -2.34 -5.75 43.10
N PRO A 522 -2.47 -7.05 42.87
CA PRO A 522 -3.60 -7.79 43.43
C PRO A 522 -3.57 -7.72 44.95
N PRO A 523 -4.73 -7.84 45.60
CA PRO A 523 -4.77 -7.73 47.07
C PRO A 523 -3.85 -8.70 47.80
N SER A 524 -3.55 -9.87 47.21
CA SER A 524 -2.65 -10.83 47.84
C SER A 524 -1.17 -10.45 47.70
N TYR A 525 -0.85 -9.39 46.96
CA TYR A 525 0.52 -8.94 46.83
C TYR A 525 0.82 -7.63 47.55
N GLN A 526 -0.19 -6.98 48.13
CA GLN A 526 -0.04 -5.59 48.54
C GLN A 526 0.87 -5.42 49.74
N GLU A 527 0.97 -6.43 50.61
CA GLU A 527 1.92 -6.35 51.71
C GLU A 527 3.37 -6.46 51.22
N ASP A 528 3.59 -6.97 50.02
CA ASP A 528 4.91 -7.02 49.42
C ASP A 528 5.13 -5.93 48.38
N ALA A 529 4.31 -4.87 48.41
CA ALA A 529 4.41 -3.82 47.39
C ALA A 529 5.73 -3.08 47.45
N LYS A 530 6.38 -3.06 48.61
CA LYS A 530 7.65 -2.36 48.77
C LYS A 530 8.77 -2.98 47.95
N HIS A 531 8.63 -4.25 47.56
CA HIS A 531 9.69 -4.93 46.82
C HIS A 531 9.60 -4.77 45.31
N TYR A 532 8.60 -4.07 44.79
CA TYR A 532 8.36 -3.99 43.34
C TYR A 532 8.49 -2.57 42.82
N GLU A 533 9.10 -2.43 41.65
CA GLU A 533 9.21 -1.15 40.95
C GLU A 533 8.65 -1.28 39.55
N LYS A 534 7.99 -0.22 39.07
CA LYS A 534 7.37 -0.20 37.75
C LYS A 534 8.42 0.00 36.65
N ILE A 535 8.29 -0.78 35.59
CA ILE A 535 8.93 -0.43 34.32
C ILE A 535 8.10 0.68 33.69
N MET A 536 8.75 1.78 33.30
CA MET A 536 8.03 2.93 32.75
C MET A 536 8.20 3.10 31.25
N HIS A 537 8.98 2.25 30.59
CA HIS A 537 9.05 2.28 29.13
C HIS A 537 7.68 1.99 28.53
N ILE A 538 7.45 2.53 27.35
CA ILE A 538 6.24 2.22 26.59
C ILE A 538 6.62 1.38 25.39
N LEU A 539 5.61 0.73 24.81
CA LEU A 539 5.82 -0.18 23.68
C LEU A 539 6.04 0.58 22.38
N ASP A 540 6.94 0.06 21.54
CA ASP A 540 7.00 0.41 20.14
C ASP A 540 5.59 0.48 19.55
N VAL A 541 5.27 1.60 18.89
CA VAL A 541 3.96 1.72 18.26
C VAL A 541 3.78 0.69 17.15
N TRP A 542 4.86 0.14 16.62
CA TRP A 542 4.71 -0.95 15.66
C TRP A 542 4.25 -2.23 16.34
N PHE A 543 4.49 -2.37 17.65
CA PHE A 543 3.87 -3.47 18.39
C PHE A 543 2.36 -3.24 18.53
N ASP A 544 1.94 -2.01 18.87
CA ASP A 544 0.52 -1.65 18.84
C ASP A 544 -0.15 -2.14 17.55
N SER A 545 0.38 -1.71 16.40
CA SER A 545 -0.30 -2.02 15.15
C SER A 545 -0.12 -3.47 14.74
N GLY A 546 1.02 -4.07 15.08
CA GLY A 546 1.17 -5.49 14.85
C GLY A 546 0.21 -6.33 15.64
N SER A 547 -0.40 -5.76 16.69
CA SER A 547 -1.35 -6.45 17.55
C SER A 547 -2.79 -6.28 17.11
N THR A 548 -3.07 -5.56 16.02
CA THR A 548 -4.47 -5.28 15.69
C THR A 548 -5.26 -6.54 15.41
N PHE A 549 -4.63 -7.57 14.84
CA PHE A 549 -5.35 -8.81 14.58
C PHE A 549 -5.91 -9.40 15.87
N LYS A 550 -5.15 -9.31 16.96
CA LYS A 550 -5.61 -9.84 18.24
C LYS A 550 -6.68 -8.94 18.85
N ALA A 551 -6.48 -7.63 18.81
CA ALA A 551 -7.41 -6.70 19.45
C ALA A 551 -8.72 -6.56 18.68
N VAL A 552 -8.71 -6.75 17.36
CA VAL A 552 -9.89 -6.54 16.54
C VAL A 552 -10.54 -7.86 16.12
N LEU A 553 -9.76 -8.75 15.52
CA LEU A 553 -10.34 -9.98 14.99
C LEU A 553 -10.56 -11.02 16.08
N GLU A 554 -9.57 -11.25 16.95
CA GLU A 554 -9.70 -12.32 17.93
C GLU A 554 -10.52 -11.89 19.15
N ASP A 555 -10.23 -10.70 19.70
CA ASP A 555 -10.89 -10.29 20.93
C ASP A 555 -12.38 -10.00 20.75
N TYR A 556 -12.85 -9.77 19.52
CA TYR A 556 -14.28 -9.63 19.26
C TYR A 556 -14.90 -10.89 18.67
N HIS A 557 -14.15 -11.99 18.66
CA HIS A 557 -14.67 -13.34 18.44
C HIS A 557 -15.39 -13.47 17.10
N GLY A 558 -14.81 -12.87 16.06
CA GLY A 558 -15.34 -12.96 14.72
C GLY A 558 -16.36 -11.89 14.36
N GLU A 559 -16.84 -11.11 15.33
CA GLU A 559 -17.86 -10.10 15.05
C GLU A 559 -17.34 -8.98 14.16
N LYS A 560 -16.03 -8.77 14.12
CA LYS A 560 -15.43 -7.78 13.24
C LYS A 560 -14.58 -8.43 12.16
N GLY A 561 -14.70 -9.75 11.99
CA GLY A 561 -13.91 -10.46 11.02
C GLY A 561 -13.13 -11.61 11.63
N GLN A 562 -12.72 -12.54 10.79
CA GLN A 562 -12.01 -13.74 11.22
C GLN A 562 -10.51 -13.49 11.30
N SER A 563 -9.87 -14.24 12.19
CA SER A 563 -8.42 -14.33 12.28
C SER A 563 -7.99 -15.73 11.88
N PRO A 564 -7.14 -15.92 10.88
CA PRO A 564 -6.48 -14.91 10.04
C PRO A 564 -7.48 -14.22 9.11
N SER A 565 -7.23 -12.97 8.73
CA SER A 565 -8.06 -12.28 7.76
C SER A 565 -7.91 -12.91 6.38
N ASP A 566 -8.88 -12.64 5.51
CA ASP A 566 -8.76 -13.10 4.13
C ASP A 566 -7.75 -12.27 3.36
N VAL A 567 -7.74 -10.96 3.61
CA VAL A 567 -6.96 -10.01 2.82
C VAL A 567 -6.54 -8.87 3.72
N ILE A 568 -5.29 -8.43 3.57
CA ILE A 568 -4.87 -7.09 3.98
C ILE A 568 -4.27 -6.43 2.75
N LEU A 569 -4.31 -5.10 2.72
CA LEU A 569 -3.98 -4.37 1.51
C LEU A 569 -3.37 -3.03 1.93
N GLU A 570 -2.08 -2.84 1.66
CA GLU A 570 -1.37 -1.66 2.10
C GLU A 570 -0.23 -1.39 1.12
N GLY A 571 0.43 -0.24 1.28
CA GLY A 571 1.58 0.06 0.45
C GLY A 571 2.69 -0.95 0.62
N SER A 572 3.52 -1.07 -0.41
CA SER A 572 4.65 -2.00 -0.32
C SER A 572 5.70 -1.54 0.70
N ASP A 573 5.58 -0.33 1.24
CA ASP A 573 6.43 0.08 2.36
C ASP A 573 6.03 -0.58 3.69
N GLN A 574 4.96 -1.37 3.72
CA GLN A 574 4.58 -2.03 4.96
C GLN A 574 5.27 -3.39 5.16
N HIS A 575 6.04 -3.86 4.17
CA HIS A 575 6.93 -5.00 4.41
C HIS A 575 7.88 -4.69 5.57
N ARG A 576 8.39 -3.47 5.62
CA ARG A 576 9.23 -2.99 6.72
C ARG A 576 8.42 -2.61 7.95
N GLY A 577 7.10 -2.49 7.81
CA GLY A 577 6.28 -2.01 8.90
C GLY A 577 5.22 -3.01 9.33
N TRP A 578 3.97 -2.72 8.98
CA TRP A 578 2.83 -3.40 9.59
C TRP A 578 2.78 -4.87 9.23
N PHE A 579 3.12 -5.22 7.98
CA PHE A 579 3.19 -6.64 7.61
C PHE A 579 4.14 -7.40 8.51
N GLN A 580 5.30 -6.81 8.78
CA GLN A 580 6.32 -7.52 9.55
C GLN A 580 5.95 -7.62 11.02
N SER A 581 5.49 -6.53 11.62
CA SER A 581 5.15 -6.58 13.04
C SER A 581 3.93 -7.48 13.27
N SER A 582 2.93 -7.44 12.37
CA SER A 582 1.79 -8.34 12.49
C SER A 582 2.21 -9.79 12.29
N LEU A 583 3.10 -10.05 11.33
CA LEU A 583 3.58 -11.42 11.13
C LEU A 583 4.25 -11.93 12.38
N LEU A 584 5.15 -11.13 12.96
CA LEU A 584 5.93 -11.59 14.11
C LEU A 584 5.02 -11.86 15.32
N ILE A 585 4.13 -10.92 15.63
CA ILE A 585 3.25 -11.12 16.78
C ILE A 585 2.31 -12.30 16.55
N GLY A 586 1.77 -12.41 15.34
CA GLY A 586 0.92 -13.56 15.04
C GLY A 586 1.66 -14.89 15.13
N CYS A 587 2.94 -14.90 14.73
CA CYS A 587 3.71 -16.13 14.86
C CYS A 587 4.00 -16.48 16.31
N VAL A 588 4.08 -15.51 17.21
CA VAL A 588 4.27 -15.84 18.63
C VAL A 588 2.99 -16.40 19.22
N LEU A 589 1.86 -15.73 18.98
CA LEU A 589 0.59 -16.10 19.59
C LEU A 589 0.02 -17.37 18.95
N ASN A 590 -0.05 -17.39 17.61
CA ASN A 590 -0.72 -18.43 16.86
C ASN A 590 0.21 -19.32 16.05
N ASN A 591 1.50 -18.99 15.97
CA ASN A 591 2.47 -19.72 15.15
C ASN A 591 2.11 -19.66 13.65
N GLN A 592 1.41 -18.60 13.24
CA GLN A 592 1.12 -18.40 11.82
C GLN A 592 0.83 -16.93 11.58
N ALA A 593 0.86 -16.55 10.31
CA ALA A 593 0.52 -15.17 9.95
C ALA A 593 -0.95 -14.91 10.25
N PRO A 594 -1.30 -13.70 10.71
CA PRO A 594 -2.71 -13.36 10.94
C PRO A 594 -3.46 -12.93 9.71
N PHE A 595 -2.89 -13.13 8.52
CA PHE A 595 -3.50 -12.79 7.24
C PHE A 595 -3.25 -13.94 6.27
N LYS A 596 -4.21 -14.17 5.37
CA LYS A 596 -4.03 -15.21 4.36
C LYS A 596 -3.44 -14.69 3.06
N LYS A 597 -3.61 -13.40 2.79
CA LYS A 597 -3.24 -12.84 1.50
C LYS A 597 -2.85 -11.38 1.70
N VAL A 598 -1.80 -10.95 1.00
CA VAL A 598 -1.30 -9.58 1.08
C VAL A 598 -1.34 -9.00 -0.32
N ILE A 599 -2.04 -7.89 -0.49
CA ILE A 599 -2.08 -7.13 -1.74
C ILE A 599 -1.39 -5.79 -1.49
N THR A 600 -0.43 -5.43 -2.33
CA THR A 600 0.27 -4.17 -2.12
C THR A 600 0.09 -3.22 -3.28
N HIS A 601 0.20 -1.92 -2.98
CA HIS A 601 0.20 -0.88 -3.99
C HIS A 601 1.44 -0.01 -3.82
N GLY A 602 1.68 0.82 -4.82
CA GLY A 602 2.81 1.72 -4.82
C GLY A 602 2.48 3.05 -4.16
N PHE A 603 3.34 4.02 -4.38
CA PHE A 603 3.15 5.38 -3.88
C PHE A 603 2.47 6.25 -4.92
N ILE A 604 1.76 7.27 -4.44
CA ILE A 604 1.32 8.37 -5.28
C ILE A 604 2.49 9.33 -5.44
N VAL A 605 2.91 9.58 -6.68
CA VAL A 605 4.06 10.41 -6.97
C VAL A 605 3.64 11.53 -7.93
N ASP A 606 4.54 12.48 -8.15
CA ASP A 606 4.22 13.62 -9.01
C ASP A 606 4.40 13.24 -10.49
N GLU A 607 4.34 14.26 -11.34
CA GLU A 607 4.46 14.08 -12.78
C GLU A 607 5.79 13.44 -13.18
N LYS A 608 6.86 13.76 -12.45
CA LYS A 608 8.19 13.22 -12.75
C LYS A 608 8.47 11.91 -12.04
N GLY A 609 7.51 11.36 -11.30
CA GLY A 609 7.74 10.16 -10.54
C GLY A 609 8.36 10.37 -9.18
N GLU A 610 8.47 11.62 -8.72
CA GLU A 610 9.08 11.92 -7.44
C GLU A 610 8.03 11.97 -6.34
N LYS A 611 8.45 11.63 -5.12
CA LYS A 611 7.53 11.70 -3.99
C LYS A 611 7.14 13.14 -3.72
N MET A 612 5.91 13.32 -3.23
CA MET A 612 5.38 14.64 -2.93
C MET A 612 5.78 15.05 -1.52
N SER A 613 6.27 16.28 -1.38
CA SER A 613 6.60 16.84 -0.08
C SER A 613 6.54 18.35 -0.19
N LYS A 614 6.09 19.00 0.90
CA LYS A 614 6.05 20.47 0.89
C LYS A 614 7.43 21.05 0.66
N SER A 615 8.48 20.31 1.03
CA SER A 615 9.85 20.75 0.78
C SER A 615 10.12 20.88 -0.71
N LYS A 616 9.56 19.97 -1.52
CA LYS A 616 9.74 20.03 -2.97
C LYS A 616 8.69 20.89 -3.65
N GLY A 617 7.61 21.25 -2.96
CA GLY A 617 6.58 22.08 -3.56
C GLY A 617 5.77 21.40 -4.64
N ASN A 618 5.69 20.07 -4.64
CA ASN A 618 4.97 19.32 -5.65
C ASN A 618 3.76 18.59 -5.09
N VAL A 619 3.22 19.07 -3.98
CA VAL A 619 2.11 18.37 -3.30
C VAL A 619 0.79 18.73 -3.97
N VAL A 620 0.00 17.71 -4.29
CA VAL A 620 -1.38 17.88 -4.74
C VAL A 620 -2.29 17.40 -3.61
N SER A 621 -3.13 18.28 -3.09
CA SER A 621 -3.98 17.91 -1.97
C SER A 621 -5.10 16.99 -2.46
N LEU A 622 -5.54 16.10 -1.55
CA LEU A 622 -6.68 15.25 -1.86
C LEU A 622 -7.92 16.10 -2.16
N ASP A 623 -8.15 17.15 -1.38
CA ASP A 623 -9.31 18.02 -1.60
C ASP A 623 -9.28 18.61 -3.01
N LYS A 624 -8.12 19.10 -3.43
CA LYS A 624 -8.00 19.69 -4.77
C LYS A 624 -8.32 18.66 -5.85
N LEU A 625 -7.81 17.43 -5.69
CA LEU A 625 -8.02 16.40 -6.70
C LEU A 625 -9.50 16.03 -6.81
N LEU A 626 -10.19 15.90 -5.67
CA LEU A 626 -11.59 15.51 -5.68
C LEU A 626 -12.48 16.61 -6.23
N LYS A 627 -12.23 17.86 -5.84
CA LYS A 627 -13.00 18.97 -6.37
C LYS A 627 -12.80 19.14 -7.87
N THR A 628 -11.60 18.86 -8.37
CA THR A 628 -11.31 19.04 -9.79
C THR A 628 -11.95 17.95 -10.64
N HIS A 629 -11.87 16.69 -10.21
CA HIS A 629 -12.23 15.56 -11.05
C HIS A 629 -13.45 14.78 -10.57
N GLY A 630 -13.79 14.86 -9.29
CA GLY A 630 -14.85 14.01 -8.77
C GLY A 630 -14.31 12.67 -8.31
N SER A 631 -14.97 12.10 -7.30
CA SER A 631 -14.43 10.88 -6.70
C SER A 631 -14.54 9.70 -7.64
N ASP A 632 -15.62 9.62 -8.43
CA ASP A 632 -15.73 8.47 -9.32
C ASP A 632 -14.65 8.49 -10.40
N VAL A 633 -14.19 9.68 -10.80
CA VAL A 633 -13.06 9.74 -11.73
C VAL A 633 -11.76 9.36 -11.03
N VAL A 634 -11.55 9.84 -9.80
CA VAL A 634 -10.37 9.43 -9.04
C VAL A 634 -10.39 7.93 -8.80
N ARG A 635 -11.57 7.36 -8.52
CA ARG A 635 -11.65 5.92 -8.33
C ARG A 635 -11.36 5.17 -9.61
N LEU A 636 -11.85 5.67 -10.75
CA LEU A 636 -11.56 5.03 -12.02
C LEU A 636 -10.08 5.16 -12.38
N TRP A 637 -9.47 6.31 -12.06
CA TRP A 637 -8.05 6.50 -12.30
C TRP A 637 -7.23 5.43 -11.58
N VAL A 638 -7.59 5.15 -10.32
CA VAL A 638 -6.91 4.11 -9.55
C VAL A 638 -7.09 2.75 -10.22
N ALA A 639 -8.34 2.36 -10.48
CA ALA A 639 -8.63 1.02 -10.98
C ALA A 639 -8.09 0.80 -12.38
N PHE A 640 -8.06 1.84 -13.21
CA PHE A 640 -7.66 1.72 -14.61
C PHE A 640 -6.15 1.88 -14.81
N ASN A 641 -5.36 1.70 -13.75
CA ASN A 641 -3.93 1.90 -13.84
C ASN A 641 -3.21 0.84 -13.04
N ASP A 642 -1.88 0.79 -13.21
CA ASP A 642 -1.03 -0.23 -12.61
C ASP A 642 -0.71 0.17 -11.16
N TYR A 643 -1.66 -0.07 -10.26
CA TYR A 643 -1.54 0.41 -8.88
C TYR A 643 -0.49 -0.35 -8.06
N GLN A 644 0.00 -1.50 -8.54
CA GLN A 644 1.10 -2.19 -7.87
C GLN A 644 2.38 -1.37 -7.90
N ASN A 645 2.53 -0.48 -8.87
CA ASN A 645 3.68 0.40 -8.94
C ASN A 645 3.23 1.83 -8.64
N ASP A 646 4.19 2.76 -8.67
CA ASP A 646 3.87 4.15 -8.36
C ASP A 646 2.92 4.72 -9.39
N LEU A 647 1.99 5.56 -8.92
CA LEU A 647 1.00 6.21 -9.76
C LEU A 647 1.33 7.70 -9.84
N ARG A 648 1.58 8.18 -11.06
CA ARG A 648 1.94 9.58 -11.28
C ARG A 648 0.68 10.43 -11.42
N VAL A 649 0.65 11.54 -10.69
CA VAL A 649 -0.43 12.52 -10.80
C VAL A 649 -0.06 13.55 -11.85
N SER A 650 -0.83 13.61 -12.93
CA SER A 650 -0.63 14.60 -13.97
C SER A 650 -1.96 14.87 -14.66
N GLN A 651 -2.09 16.08 -15.21
CA GLN A 651 -3.32 16.46 -15.90
C GLN A 651 -3.65 15.50 -17.05
N THR A 652 -2.62 15.06 -17.80
CA THR A 652 -2.85 14.23 -18.96
C THR A 652 -3.48 12.89 -18.58
N PHE A 653 -2.95 12.24 -17.55
CA PHE A 653 -3.50 10.95 -17.14
C PHE A 653 -4.92 11.09 -16.59
N PHE A 654 -5.22 12.18 -15.91
CA PHE A 654 -6.59 12.34 -15.42
C PHE A 654 -7.54 12.69 -16.55
N THR A 655 -7.07 13.43 -17.56
CA THR A 655 -7.89 13.68 -18.74
C THR A 655 -8.22 12.39 -19.47
N GLN A 656 -7.26 11.46 -19.56
CA GLN A 656 -7.53 10.18 -20.19
C GLN A 656 -8.59 9.41 -19.41
N THR A 657 -8.49 9.41 -18.07
CA THR A 657 -9.50 8.75 -17.24
C THR A 657 -10.87 9.36 -17.43
N GLU A 658 -10.94 10.70 -17.50
CA GLU A 658 -12.22 11.35 -17.74
C GLU A 658 -12.84 10.91 -19.05
N GLN A 659 -12.00 10.66 -20.07
CA GLN A 659 -12.52 10.18 -21.34
C GLN A 659 -13.07 8.76 -21.23
N HIS A 660 -12.43 7.92 -20.41
CA HIS A 660 -12.95 6.58 -20.14
C HIS A 660 -14.27 6.65 -19.40
N TYR A 661 -14.35 7.51 -18.37
CA TYR A 661 -15.58 7.68 -17.62
C TYR A 661 -16.71 8.19 -18.51
N LYS A 662 -16.40 9.13 -19.41
CA LYS A 662 -17.42 9.65 -20.32
C LYS A 662 -17.94 8.59 -21.27
N LYS A 663 -17.06 7.71 -21.76
CA LYS A 663 -17.52 6.65 -22.66
C LYS A 663 -18.43 5.66 -21.93
N PHE A 664 -18.05 5.27 -20.71
CA PHE A 664 -18.93 4.41 -19.90
C PHE A 664 -20.26 5.09 -19.64
N ARG A 665 -20.24 6.37 -19.28
CA ARG A 665 -21.48 7.05 -18.91
C ARG A 665 -22.36 7.30 -20.12
N ASN A 666 -21.79 7.75 -21.24
CA ASN A 666 -22.56 7.93 -22.46
C ASN A 666 -23.16 6.62 -22.95
N THR A 667 -22.45 5.51 -22.78
CA THR A 667 -22.99 4.21 -23.18
C THR A 667 -24.17 3.83 -22.30
N LEU A 668 -24.02 3.97 -20.98
CA LEU A 668 -25.13 3.70 -20.08
C LEU A 668 -26.33 4.58 -20.41
N LYS A 669 -26.09 5.87 -20.71
CA LYS A 669 -27.20 6.75 -21.04
C LYS A 669 -27.92 6.31 -22.31
N PHE A 670 -27.17 5.87 -23.32
CA PHE A 670 -27.83 5.41 -24.55
C PHE A 670 -28.67 4.17 -24.28
N LEU A 671 -28.16 3.24 -23.49
CA LEU A 671 -28.92 2.04 -23.16
C LEU A 671 -30.22 2.40 -22.45
N LEU A 672 -30.12 3.12 -21.32
CA LEU A 672 -31.31 3.54 -20.60
C LEU A 672 -32.30 4.28 -21.50
N ALA A 673 -31.80 5.13 -22.40
CA ALA A 673 -32.71 5.87 -23.28
C ALA A 673 -33.43 4.95 -24.25
N ASN A 674 -32.81 3.85 -24.66
CA ASN A 674 -33.38 3.03 -25.70
C ASN A 674 -34.10 1.79 -25.19
N PHE A 675 -34.24 1.63 -23.88
CA PHE A 675 -35.30 0.75 -23.36
C PHE A 675 -36.22 1.47 -22.40
N SER A 676 -36.19 2.80 -22.37
CA SER A 676 -37.06 3.55 -21.46
C SER A 676 -38.54 3.35 -21.79
N ASP A 677 -38.89 3.21 -23.07
CA ASP A 677 -40.29 3.11 -23.44
C ASP A 677 -40.79 1.68 -23.52
N MET A 678 -39.96 0.69 -23.17
CA MET A 678 -40.36 -0.69 -23.33
C MET A 678 -41.44 -1.07 -22.31
N ASP A 679 -42.48 -1.76 -22.80
CA ASP A 679 -43.53 -2.26 -21.93
C ASP A 679 -42.97 -3.37 -21.04
N LEU A 680 -43.09 -3.19 -19.73
CA LEU A 680 -42.46 -4.13 -18.81
C LEU A 680 -43.11 -5.51 -18.83
N LYS A 681 -44.26 -5.67 -19.49
CA LYS A 681 -44.77 -7.00 -19.77
C LYS A 681 -43.78 -7.81 -20.60
N ASN A 682 -42.87 -7.16 -21.32
CA ASN A 682 -41.86 -7.87 -22.09
C ASN A 682 -40.98 -8.73 -21.20
N LEU A 683 -40.77 -8.31 -19.95
CA LEU A 683 -39.84 -9.02 -19.09
C LEU A 683 -40.31 -10.44 -18.78
N GLU A 684 -41.62 -10.67 -18.82
CA GLU A 684 -42.15 -11.98 -18.44
C GLU A 684 -42.23 -12.96 -19.59
N ARG A 685 -42.16 -12.48 -20.82
CA ARG A 685 -42.36 -13.38 -21.94
C ARG A 685 -41.05 -13.61 -22.69
N PRO A 686 -40.86 -14.79 -23.26
CA PRO A 686 -39.69 -15.03 -24.11
C PRO A 686 -39.79 -14.23 -25.40
N HIS A 687 -38.62 -13.99 -26.00
CA HIS A 687 -38.51 -13.26 -27.25
C HIS A 687 -37.76 -14.10 -28.27
N ASN A 688 -38.05 -13.83 -29.54
CA ASN A 688 -37.30 -14.41 -30.65
C ASN A 688 -36.20 -13.42 -31.02
N PHE A 689 -34.96 -13.79 -30.73
CA PHE A 689 -33.82 -12.93 -30.99
C PHE A 689 -33.21 -13.24 -32.35
N SER A 690 -32.76 -12.19 -33.04
CA SER A 690 -32.13 -12.31 -34.34
C SER A 690 -30.73 -12.91 -34.18
N PRO A 691 -30.09 -13.32 -35.29
CA PRO A 691 -28.68 -13.74 -35.20
C PRO A 691 -27.78 -12.67 -34.62
N LEU A 692 -27.97 -11.41 -35.01
CA LEU A 692 -27.17 -10.33 -34.43
C LEU A 692 -27.45 -10.17 -32.94
N ASP A 693 -28.71 -10.27 -32.52
CA ASP A 693 -29.04 -10.27 -31.09
C ASP A 693 -28.26 -11.36 -30.36
N HIS A 694 -28.30 -12.58 -30.91
CA HIS A 694 -27.64 -13.72 -30.30
C HIS A 694 -26.12 -13.56 -30.27
N PHE A 695 -25.55 -13.02 -31.36
CA PHE A 695 -24.12 -12.72 -31.36
C PHE A 695 -23.76 -11.77 -30.23
N MET A 696 -24.61 -10.78 -29.97
CA MET A 696 -24.33 -9.82 -28.90
C MET A 696 -24.47 -10.48 -27.53
N LEU A 697 -25.51 -11.31 -27.35
CA LEU A 697 -25.67 -11.99 -26.06
C LEU A 697 -24.53 -12.96 -25.80
N GLU A 698 -24.08 -13.67 -26.84
CA GLU A 698 -22.97 -14.60 -26.67
C GLU A 698 -21.66 -13.86 -26.45
N THR A 699 -21.47 -12.74 -27.14
CA THR A 699 -20.30 -11.90 -26.87
C THR A 699 -20.33 -11.37 -25.45
N LEU A 700 -21.50 -10.90 -25.00
CA LEU A 700 -21.64 -10.38 -23.64
C LEU A 700 -21.24 -11.41 -22.60
N GLU A 701 -21.68 -12.66 -22.78
CA GLU A 701 -21.29 -13.72 -21.85
C GLU A 701 -19.79 -13.95 -21.88
N THR A 702 -19.18 -13.91 -23.07
CA THR A 702 -17.75 -14.19 -23.19
C THR A 702 -16.93 -13.10 -22.50
N ILE A 703 -17.24 -11.83 -22.76
CA ILE A 703 -16.44 -10.78 -22.15
C ILE A 703 -16.74 -10.67 -20.66
N SER A 704 -17.96 -11.01 -20.24
CA SER A 704 -18.28 -10.99 -18.81
C SER A 704 -17.41 -11.97 -18.03
N ALA A 705 -17.21 -13.16 -18.59
CA ALA A 705 -16.32 -14.13 -17.96
C ALA A 705 -14.89 -13.59 -17.86
N GLY A 706 -14.45 -12.86 -18.89
CA GLY A 706 -13.11 -12.31 -18.87
C GLY A 706 -12.94 -11.17 -17.88
N VAL A 707 -13.92 -10.25 -17.85
CA VAL A 707 -13.88 -9.17 -16.85
C VAL A 707 -13.84 -9.77 -15.44
N ASN A 708 -14.71 -10.73 -15.18
CA ASN A 708 -14.80 -11.33 -13.85
C ASN A 708 -13.50 -12.04 -13.46
N SER A 709 -12.91 -12.79 -14.38
CA SER A 709 -11.65 -13.47 -14.09
C SER A 709 -10.55 -12.47 -13.78
N ALA A 710 -10.48 -11.38 -14.54
CA ALA A 710 -9.48 -10.35 -14.27
C ALA A 710 -9.71 -9.69 -12.92
N PHE A 711 -10.96 -9.32 -12.63
CA PHE A 711 -11.27 -8.69 -11.35
C PHE A 711 -11.02 -9.63 -10.17
N GLU A 712 -11.17 -10.94 -10.38
CA GLU A 712 -10.88 -11.89 -9.30
C GLU A 712 -9.41 -11.89 -8.94
N GLU A 713 -8.55 -11.65 -9.93
CA GLU A 713 -7.11 -11.54 -9.77
C GLU A 713 -6.68 -10.14 -9.31
N HIS A 714 -7.63 -9.24 -9.12
CA HIS A 714 -7.39 -7.83 -8.78
C HIS A 714 -6.68 -7.08 -9.91
N ASP A 715 -6.74 -7.61 -11.13
CA ASP A 715 -6.18 -6.96 -12.31
C ASP A 715 -7.29 -6.13 -12.97
N PHE A 716 -7.60 -5.00 -12.32
CA PHE A 716 -8.71 -4.18 -12.77
C PHE A 716 -8.42 -3.51 -14.11
N VAL A 717 -7.14 -3.28 -14.42
CA VAL A 717 -6.78 -2.77 -15.76
C VAL A 717 -7.20 -3.77 -16.82
N LYS A 718 -6.84 -5.03 -16.64
CA LYS A 718 -7.17 -6.04 -17.65
C LYS A 718 -8.68 -6.14 -17.84
N GLY A 719 -9.45 -6.14 -16.74
CA GLY A 719 -10.90 -6.27 -16.86
C GLY A 719 -11.55 -5.04 -17.44
N LEU A 720 -11.07 -3.85 -17.06
CA LEU A 720 -11.63 -2.61 -17.61
C LEU A 720 -11.26 -2.46 -19.09
N ASN A 721 -10.08 -2.93 -19.50
CA ASN A 721 -9.76 -2.93 -20.93
C ASN A 721 -10.69 -3.85 -21.71
N ILE A 722 -10.99 -5.03 -21.15
CA ILE A 722 -11.93 -5.94 -21.81
C ILE A 722 -13.31 -5.29 -21.91
N LEU A 723 -13.79 -4.74 -20.80
CA LEU A 723 -15.08 -4.06 -20.79
C LEU A 723 -15.11 -2.90 -21.77
N MET A 724 -14.05 -2.07 -21.78
CA MET A 724 -14.05 -0.90 -22.65
C MET A 724 -14.01 -1.30 -24.13
N ALA A 725 -13.23 -2.34 -24.46
CA ALA A 725 -13.19 -2.81 -25.84
C ALA A 725 -14.55 -3.31 -26.30
N PHE A 726 -15.26 -4.04 -25.44
CA PHE A 726 -16.61 -4.51 -25.78
C PHE A 726 -17.54 -3.32 -25.99
N VAL A 727 -17.51 -2.35 -25.09
CA VAL A 727 -18.36 -1.18 -25.19
C VAL A 727 -18.04 -0.39 -26.45
N THR A 728 -16.77 -0.30 -26.80
CA THR A 728 -16.37 0.54 -27.93
C THR A 728 -16.59 -0.15 -29.27
N ASN A 729 -16.33 -1.46 -29.32
CA ASN A 729 -16.27 -2.15 -30.60
C ASN A 729 -17.56 -2.90 -30.89
N GLU A 730 -17.82 -3.99 -30.17
CA GLU A 730 -19.00 -4.80 -30.47
C GLU A 730 -20.28 -4.05 -30.14
N LEU A 731 -20.34 -3.39 -28.99
CA LEU A 731 -21.58 -2.75 -28.58
C LEU A 731 -21.84 -1.48 -29.39
N SER A 732 -20.97 -0.47 -29.25
CA SER A 732 -21.22 0.79 -29.95
C SER A 732 -20.97 0.67 -31.43
N GLY A 733 -19.84 0.08 -31.82
CA GLY A 733 -19.42 0.10 -33.21
C GLY A 733 -20.32 -0.74 -34.09
N ILE A 734 -20.75 -1.90 -33.59
CA ILE A 734 -21.46 -2.86 -34.41
C ILE A 734 -22.95 -2.86 -34.08
N TYR A 735 -23.29 -3.20 -32.84
CA TYR A 735 -24.69 -3.46 -32.49
C TYR A 735 -25.53 -2.18 -32.49
N LEU A 736 -25.10 -1.16 -31.74
CA LEU A 736 -25.92 0.03 -31.63
C LEU A 736 -26.05 0.73 -32.97
N ASP A 737 -24.98 0.73 -33.77
CA ASP A 737 -25.06 1.29 -35.11
C ASP A 737 -26.08 0.55 -35.95
N ALA A 738 -26.03 -0.78 -35.93
CA ALA A 738 -26.96 -1.59 -36.72
C ALA A 738 -28.39 -1.51 -36.19
N CYS A 739 -28.57 -1.24 -34.90
CA CYS A 739 -29.91 -1.23 -34.31
C CYS A 739 -30.57 0.13 -34.32
N LYS A 740 -29.85 1.20 -34.69
CA LYS A 740 -30.41 2.54 -34.52
C LYS A 740 -31.67 2.73 -35.34
N ASP A 741 -31.71 2.18 -36.56
CA ASP A 741 -32.90 2.35 -37.40
C ASP A 741 -34.15 1.79 -36.74
N SER A 742 -34.07 0.54 -36.26
CA SER A 742 -35.22 -0.08 -35.61
C SER A 742 -35.61 0.65 -34.33
N LEU A 743 -34.62 1.02 -33.51
CA LEU A 743 -34.90 1.68 -32.24
C LEU A 743 -35.66 2.98 -32.43
N TYR A 744 -35.30 3.77 -33.45
CA TYR A 744 -35.92 5.07 -33.65
C TYR A 744 -37.06 5.06 -34.66
N CYS A 745 -37.03 4.17 -35.65
CA CYS A 745 -37.97 4.24 -36.76
C CYS A 745 -39.00 3.12 -36.80
N ASP A 746 -38.76 2.00 -36.12
CA ASP A 746 -39.77 0.95 -36.11
C ASP A 746 -40.84 1.26 -35.07
N SER A 747 -42.01 0.68 -35.27
CA SER A 747 -43.10 0.81 -34.31
C SER A 747 -42.69 0.31 -32.93
N LYS A 748 -43.21 0.95 -31.89
CA LYS A 748 -42.92 0.49 -30.53
C LYS A 748 -43.42 -0.93 -30.29
N ASN A 749 -44.43 -1.35 -31.03
CA ASN A 749 -44.96 -2.71 -30.94
C ASN A 749 -44.16 -3.71 -31.77
N ASN A 750 -43.15 -3.27 -32.51
CA ASN A 750 -42.40 -4.17 -33.37
C ASN A 750 -41.67 -5.21 -32.53
N GLU A 751 -41.89 -6.49 -32.85
CA GLU A 751 -41.31 -7.55 -32.04
C GLU A 751 -39.79 -7.57 -32.12
N LYS A 752 -39.22 -7.21 -33.28
CA LYS A 752 -37.77 -7.18 -33.40
C LYS A 752 -37.17 -6.06 -32.56
N ARG A 753 -37.84 -4.90 -32.50
CA ARG A 753 -37.35 -3.81 -31.67
C ARG A 753 -37.44 -4.17 -30.18
N GLN A 754 -38.52 -4.84 -29.77
CA GLN A 754 -38.63 -5.25 -28.37
C GLN A 754 -37.51 -6.23 -27.99
N ALA A 755 -37.13 -7.12 -28.93
CA ALA A 755 -36.02 -8.04 -28.65
C ALA A 755 -34.69 -7.29 -28.51
N ILE A 756 -34.48 -6.25 -29.31
CA ILE A 756 -33.29 -5.42 -29.16
C ILE A 756 -33.26 -4.78 -27.79
N GLN A 757 -34.40 -4.22 -27.35
CA GLN A 757 -34.44 -3.59 -26.04
C GLN A 757 -34.09 -4.57 -24.93
N MET A 758 -34.49 -5.85 -25.08
CA MET A 758 -34.14 -6.85 -24.08
C MET A 758 -32.64 -7.11 -24.07
N VAL A 759 -32.01 -7.12 -25.25
CA VAL A 759 -30.56 -7.25 -25.29
C VAL A 759 -29.90 -6.06 -24.61
N LEU A 760 -30.43 -4.85 -24.83
CA LEU A 760 -29.84 -3.65 -24.22
C LEU A 760 -30.02 -3.66 -22.71
N LEU A 761 -31.15 -4.17 -22.24
CA LEU A 761 -31.38 -4.30 -20.80
C LEU A 761 -30.39 -5.28 -20.19
N ALA A 762 -30.17 -6.43 -20.84
CA ALA A 762 -29.20 -7.39 -20.34
C ALA A 762 -27.79 -6.79 -20.31
N THR A 763 -27.43 -6.05 -21.36
CA THR A 763 -26.11 -5.42 -21.41
C THR A 763 -25.96 -4.36 -20.33
N ALA A 764 -26.95 -3.48 -20.19
CA ALA A 764 -26.92 -2.51 -19.10
C ALA A 764 -26.75 -3.20 -17.75
N SER A 765 -27.42 -4.33 -17.56
CA SER A 765 -27.35 -5.04 -16.28
C SER A 765 -25.95 -5.51 -15.98
N LYS A 766 -25.27 -6.08 -16.97
CA LYS A 766 -23.90 -6.55 -16.78
C LYS A 766 -22.93 -5.40 -16.55
N LEU A 767 -23.08 -4.32 -17.33
CA LEU A 767 -22.27 -3.14 -17.11
C LEU A 767 -22.42 -2.62 -15.68
N CYS A 768 -23.65 -2.65 -15.17
CA CYS A 768 -23.90 -2.18 -13.80
C CYS A 768 -23.20 -3.09 -12.78
N TYR A 769 -23.36 -4.40 -12.94
CA TYR A 769 -22.75 -5.33 -11.98
C TYR A 769 -21.24 -5.17 -11.93
N PHE A 770 -20.59 -5.14 -13.09
CA PHE A 770 -19.13 -5.09 -13.12
C PHE A 770 -18.58 -3.73 -12.74
N LEU A 771 -19.27 -2.64 -13.04
CA LEU A 771 -18.77 -1.33 -12.66
C LEU A 771 -19.15 -0.93 -11.24
N ALA A 772 -20.09 -1.64 -10.62
CA ALA A 772 -20.57 -1.25 -9.28
C ALA A 772 -19.47 -1.11 -8.23
N PRO A 773 -18.47 -2.00 -8.16
CA PRO A 773 -17.42 -1.80 -7.12
C PRO A 773 -16.58 -0.56 -7.35
N ILE A 774 -16.46 -0.09 -8.58
CA ILE A 774 -15.53 0.99 -8.90
C ILE A 774 -16.27 2.32 -8.97
N LEU A 775 -17.32 2.37 -9.78
CA LEU A 775 -18.10 3.59 -9.99
C LEU A 775 -19.43 3.49 -9.27
N THR A 776 -19.37 3.37 -7.94
CA THR A 776 -20.56 2.99 -7.19
C THR A 776 -21.60 4.10 -7.20
N HIS A 777 -21.15 5.35 -7.03
CA HIS A 777 -22.06 6.48 -7.14
C HIS A 777 -22.78 6.49 -8.48
N THR A 778 -22.03 6.25 -9.56
CA THR A 778 -22.60 6.39 -10.89
C THR A 778 -23.62 5.29 -11.18
N ILE A 779 -23.34 4.07 -10.74
CA ILE A 779 -24.29 2.98 -10.94
C ILE A 779 -25.50 3.16 -10.02
N GLU A 780 -25.29 3.70 -8.83
CA GLU A 780 -26.45 4.10 -8.02
C GLU A 780 -27.33 5.08 -8.80
N GLU A 781 -26.71 6.03 -9.50
CA GLU A 781 -27.47 7.02 -10.26
C GLU A 781 -28.18 6.37 -11.45
N VAL A 782 -27.53 5.40 -12.10
CA VAL A 782 -28.15 4.66 -13.20
C VAL A 782 -29.44 3.99 -12.73
N LEU A 783 -29.39 3.27 -11.61
CA LEU A 783 -30.61 2.61 -11.12
C LEU A 783 -31.66 3.61 -10.69
N GLU A 784 -31.24 4.77 -10.16
CA GLU A 784 -32.19 5.79 -9.73
C GLU A 784 -33.03 6.31 -10.88
N HIS A 785 -32.51 6.23 -12.11
CA HIS A 785 -33.16 6.82 -13.28
C HIS A 785 -33.81 5.80 -14.20
N SER A 786 -33.77 4.51 -13.88
CA SER A 786 -34.28 3.47 -14.79
C SER A 786 -35.20 2.50 -14.07
N GLN A 787 -36.51 2.75 -14.11
CA GLN A 787 -37.46 1.82 -13.53
C GLN A 787 -37.35 0.44 -14.17
N ALA A 788 -37.07 0.40 -15.48
CA ALA A 788 -36.96 -0.87 -16.19
C ALA A 788 -35.79 -1.70 -15.65
N LEU A 789 -34.63 -1.09 -15.45
CA LEU A 789 -33.50 -1.82 -14.87
C LEU A 789 -33.84 -2.32 -13.48
N ARG A 790 -34.47 -1.47 -12.65
CA ARG A 790 -34.77 -1.87 -11.28
C ARG A 790 -35.72 -3.06 -11.23
N ILE A 791 -36.68 -3.09 -12.14
CA ILE A 791 -37.64 -4.23 -12.15
C ILE A 791 -36.94 -5.46 -12.72
N PHE A 792 -36.17 -5.27 -13.77
CA PHE A 792 -35.45 -6.38 -14.39
C PHE A 792 -34.47 -7.03 -13.41
N LEU A 793 -33.76 -6.21 -12.63
CA LEU A 793 -32.77 -6.73 -11.69
C LEU A 793 -33.35 -7.03 -10.32
N GLN A 794 -34.63 -6.72 -10.10
CA GLN A 794 -35.25 -6.82 -8.78
C GLN A 794 -34.42 -6.08 -7.73
N ALA A 795 -34.09 -4.82 -8.04
CA ALA A 795 -33.13 -4.06 -7.25
C ALA A 795 -33.74 -2.72 -6.85
N LYS A 796 -33.81 -2.46 -5.55
CA LYS A 796 -34.18 -1.13 -5.09
C LYS A 796 -33.09 -0.12 -5.40
N ASP A 797 -31.83 -0.52 -5.28
CA ASP A 797 -30.70 0.38 -5.40
C ASP A 797 -29.44 -0.44 -5.66
N VAL A 798 -28.29 0.21 -5.62
CA VAL A 798 -27.06 -0.46 -6.03
C VAL A 798 -26.74 -1.63 -5.12
N PHE A 799 -27.21 -1.59 -3.88
CA PHE A 799 -26.83 -2.66 -2.95
C PHE A 799 -27.66 -3.92 -3.14
N ASP A 800 -28.69 -3.90 -4.00
CA ASP A 800 -29.44 -5.09 -4.35
C ASP A 800 -28.93 -5.78 -5.62
N LEU A 801 -27.87 -5.25 -6.23
CA LEU A 801 -27.33 -5.86 -7.44
C LEU A 801 -26.83 -7.27 -7.16
N LYS A 802 -27.08 -8.16 -8.12
CA LYS A 802 -26.52 -9.51 -8.15
C LYS A 802 -26.03 -9.77 -9.57
N ASP A 803 -25.16 -10.77 -9.71
CA ASP A 803 -24.80 -11.24 -11.04
C ASP A 803 -25.97 -12.05 -11.60
N ILE A 804 -26.56 -11.57 -12.65
CA ILE A 804 -27.75 -12.23 -13.18
C ILE A 804 -27.33 -13.29 -14.18
N SER A 805 -28.21 -14.26 -14.38
CA SER A 805 -28.09 -15.20 -15.47
C SER A 805 -28.91 -14.64 -16.64
N VAL A 806 -28.21 -14.15 -17.66
CA VAL A 806 -28.89 -13.64 -18.85
C VAL A 806 -29.73 -14.73 -19.50
N SER A 807 -29.21 -15.95 -19.54
CA SER A 807 -29.95 -17.07 -20.11
C SER A 807 -31.31 -17.23 -19.45
N GLU A 808 -31.34 -17.21 -18.11
CA GLU A 808 -32.60 -17.42 -17.40
C GLU A 808 -33.53 -16.24 -17.56
N LYS A 809 -33.00 -15.03 -17.45
CA LYS A 809 -33.85 -13.84 -17.52
C LYS A 809 -34.41 -13.61 -18.92
N LEU A 810 -33.69 -14.04 -19.96
CA LEU A 810 -34.16 -13.90 -21.34
C LEU A 810 -34.73 -15.20 -21.88
N HIS A 811 -34.82 -16.25 -21.07
CA HIS A 811 -35.45 -17.52 -21.46
C HIS A 811 -34.76 -18.16 -22.67
N LEU A 812 -33.43 -18.15 -22.67
CA LEU A 812 -32.69 -18.72 -23.79
C LEU A 812 -32.70 -20.25 -23.74
N LYS A 813 -32.70 -20.87 -24.92
CA LYS A 813 -32.66 -22.32 -25.02
C LYS A 813 -31.25 -22.84 -24.77
N GLU A 814 -31.15 -23.99 -24.07
CA GLU A 814 -29.87 -24.42 -23.53
C GLU A 814 -28.89 -24.85 -24.62
N PHE A 815 -29.36 -25.56 -25.65
CA PHE A 815 -28.46 -26.12 -26.66
C PHE A 815 -28.38 -25.26 -27.91
N LYS A 816 -28.74 -23.99 -27.82
CA LYS A 816 -28.66 -23.11 -28.99
C LYS A 816 -27.21 -22.97 -29.43
N LYS A 817 -26.96 -23.31 -30.69
CA LYS A 817 -25.60 -23.29 -31.21
C LYS A 817 -25.12 -21.86 -31.39
N PRO A 818 -23.96 -21.50 -30.87
CA PRO A 818 -23.49 -20.10 -30.95
C PRO A 818 -23.36 -19.64 -32.40
N GLU A 819 -23.56 -18.34 -32.58
CA GLU A 819 -23.32 -17.73 -33.88
C GLU A 819 -21.84 -17.75 -34.22
N ASN A 820 -21.54 -17.70 -35.51
CA ASN A 820 -20.18 -17.56 -36.01
C ASN A 820 -20.20 -16.42 -37.01
N PHE A 821 -19.72 -15.25 -36.60
CA PHE A 821 -19.77 -14.05 -37.44
C PHE A 821 -18.44 -13.74 -38.11
N GLU A 822 -17.52 -14.72 -38.16
CA GLU A 822 -16.19 -14.41 -38.68
C GLU A 822 -16.24 -14.01 -40.15
N ALA A 823 -17.01 -14.74 -40.96
CA ALA A 823 -17.09 -14.42 -42.38
C ALA A 823 -17.75 -13.06 -42.61
N VAL A 824 -18.87 -12.80 -41.93
CA VAL A 824 -19.60 -11.56 -42.19
C VAL A 824 -18.86 -10.35 -41.61
N LEU A 825 -18.10 -10.53 -40.53
CA LEU A 825 -17.33 -9.40 -40.00
C LEU A 825 -16.09 -9.10 -40.83
N ALA A 826 -15.53 -10.13 -41.48
CA ALA A 826 -14.47 -9.90 -42.45
C ALA A 826 -14.99 -9.14 -43.67
N LEU A 827 -16.20 -9.47 -44.12
CA LEU A 827 -16.81 -8.72 -45.21
C LEU A 827 -17.11 -7.29 -44.79
N ARG A 828 -17.57 -7.10 -43.56
CA ARG A 828 -17.88 -5.75 -43.07
C ARG A 828 -16.62 -4.88 -43.06
N SER A 829 -15.51 -5.43 -42.57
CA SER A 829 -14.26 -4.65 -42.51
C SER A 829 -13.75 -4.30 -43.89
N ALA A 830 -13.83 -5.25 -44.84
CA ALA A 830 -13.40 -4.97 -46.20
C ALA A 830 -14.33 -3.98 -46.88
N PHE A 831 -15.62 -4.03 -46.57
CA PHE A 831 -16.55 -3.06 -47.15
C PHE A 831 -16.25 -1.65 -46.65
N ASN A 832 -15.97 -1.52 -45.35
CA ASN A 832 -15.73 -0.21 -44.77
C ASN A 832 -14.45 0.42 -45.32
N GLU A 833 -13.41 -0.39 -45.53
CA GLU A 833 -12.20 0.13 -46.15
C GLU A 833 -12.50 0.64 -47.56
N GLU A 834 -13.23 -0.15 -48.35
CA GLU A 834 -13.62 0.29 -49.67
C GLU A 834 -14.52 1.52 -49.60
N LEU A 835 -15.44 1.53 -48.64
CA LEU A 835 -16.31 2.70 -48.45
C LEU A 835 -15.49 3.93 -48.06
N ASP A 836 -14.49 3.74 -47.19
CA ASP A 836 -13.60 4.85 -46.84
C ASP A 836 -12.96 5.46 -48.08
N ARG A 837 -12.50 4.60 -49.00
CA ARG A 837 -11.85 5.12 -50.21
C ARG A 837 -12.84 5.89 -51.08
N LEU A 838 -14.08 5.41 -51.18
CA LEU A 838 -15.08 6.11 -51.99
C LEU A 838 -15.47 7.45 -51.35
N LYS A 839 -15.53 7.50 -50.02
CA LYS A 839 -15.79 8.77 -49.34
C LYS A 839 -14.67 9.77 -49.60
N LYS A 840 -13.42 9.28 -49.73
CA LYS A 840 -12.32 10.16 -50.10
C LYS A 840 -12.58 10.82 -51.45
N GLU A 841 -12.91 10.01 -52.45
CA GLU A 841 -13.05 10.52 -53.81
C GLU A 841 -14.30 11.36 -54.01
N GLY A 842 -15.18 11.45 -53.02
CA GLY A 842 -16.44 12.15 -53.15
C GLY A 842 -17.52 11.40 -53.88
N VAL A 843 -17.33 10.10 -54.14
CA VAL A 843 -18.33 9.31 -54.86
C VAL A 843 -19.61 9.20 -54.04
N ILE A 844 -19.48 8.96 -52.74
CA ILE A 844 -20.62 8.80 -51.85
C ILE A 844 -20.27 9.38 -50.49
N LYS A 845 -21.31 9.65 -49.70
CA LYS A 845 -21.15 10.19 -48.35
C LYS A 845 -21.42 9.17 -47.26
N ASN A 846 -22.12 8.09 -47.55
CA ASN A 846 -22.66 7.22 -46.52
C ASN A 846 -22.81 5.80 -47.07
N SER A 847 -22.73 4.81 -46.17
CA SER A 847 -22.96 3.43 -46.57
C SER A 847 -24.40 3.20 -47.03
N LEU A 848 -25.35 3.97 -46.49
CA LEU A 848 -26.76 3.78 -46.84
C LEU A 848 -27.04 4.11 -48.31
N GLU A 849 -26.19 4.90 -48.95
CA GLU A 849 -26.35 5.19 -50.36
C GLU A 849 -25.98 4.02 -51.26
N CYS A 850 -25.36 2.98 -50.72
CA CYS A 850 -24.80 1.91 -51.54
C CYS A 850 -25.70 0.69 -51.56
N ALA A 851 -25.59 -0.06 -52.66
CA ALA A 851 -26.02 -1.44 -52.75
C ALA A 851 -24.77 -2.31 -52.89
N ILE A 852 -24.87 -3.56 -52.45
CA ILE A 852 -23.75 -4.49 -52.52
C ILE A 852 -24.25 -5.83 -53.03
N GLU A 853 -23.51 -6.39 -53.98
CA GLU A 853 -23.70 -7.77 -54.41
C GLU A 853 -22.50 -8.56 -53.90
N VAL A 854 -22.75 -9.52 -53.03
CA VAL A 854 -21.69 -10.30 -52.42
C VAL A 854 -21.45 -11.55 -53.24
N LYS A 855 -20.18 -11.84 -53.54
CA LYS A 855 -19.85 -13.02 -54.34
C LYS A 855 -20.22 -14.31 -53.63
N GLU A 856 -20.12 -14.34 -52.30
CA GLU A 856 -20.31 -15.56 -51.52
C GLU A 856 -21.75 -15.60 -51.04
N LYS A 857 -22.58 -16.37 -51.75
CA LYS A 857 -24.00 -16.47 -51.43
C LYS A 857 -24.27 -17.30 -50.18
N ALA A 858 -23.24 -17.81 -49.51
CA ALA A 858 -23.41 -18.54 -48.27
C ALA A 858 -23.55 -17.62 -47.06
N LEU A 859 -23.97 -16.38 -47.26
CA LEU A 859 -24.11 -15.40 -46.19
C LEU A 859 -25.54 -14.90 -46.11
N ASP A 860 -26.06 -14.82 -44.89
CA ASP A 860 -27.37 -14.23 -44.65
C ASP A 860 -27.40 -12.80 -45.17
N GLU A 861 -28.29 -12.54 -46.13
CA GLU A 861 -28.32 -11.23 -46.78
C GLU A 861 -28.97 -10.16 -45.91
N ASN A 862 -29.93 -10.53 -45.07
CA ASN A 862 -30.43 -9.56 -44.10
C ASN A 862 -29.35 -9.18 -43.09
N LEU A 863 -28.49 -10.14 -42.74
CA LEU A 863 -27.40 -9.86 -41.82
C LEU A 863 -26.33 -8.98 -42.48
N VAL A 864 -26.02 -9.25 -43.74
CA VAL A 864 -25.11 -8.37 -44.49
C VAL A 864 -25.66 -6.94 -44.50
N GLU A 865 -26.95 -6.78 -44.82
CA GLU A 865 -27.53 -5.44 -44.86
C GLU A 865 -27.49 -4.79 -43.49
N GLU A 866 -27.80 -5.56 -42.44
CA GLU A 866 -27.74 -5.05 -41.07
C GLU A 866 -26.33 -4.60 -40.70
N LEU A 867 -25.34 -5.46 -40.93
CA LEU A 867 -23.99 -5.21 -40.41
C LEU A 867 -23.23 -4.17 -41.23
N LEU A 868 -23.43 -4.12 -42.54
CA LEU A 868 -22.76 -3.12 -43.36
C LEU A 868 -23.57 -1.84 -43.48
N MET A 869 -24.85 -1.87 -43.10
CA MET A 869 -25.76 -0.73 -43.20
C MET A 869 -25.77 -0.14 -44.60
N VAL A 870 -25.92 -1.02 -45.57
CA VAL A 870 -26.24 -0.64 -46.93
C VAL A 870 -27.77 -0.64 -47.05
N SER A 871 -28.28 0.01 -48.09
CA SER A 871 -29.72 0.06 -48.21
C SER A 871 -30.28 -1.09 -49.03
N PHE A 872 -29.42 -1.90 -49.64
CA PHE A 872 -29.87 -2.92 -50.58
C PHE A 872 -28.76 -3.93 -50.80
N VAL A 873 -29.10 -5.21 -50.74
CA VAL A 873 -28.18 -6.29 -51.05
C VAL A 873 -28.65 -6.92 -52.36
N GLY A 874 -27.83 -6.80 -53.40
CA GLY A 874 -28.16 -7.33 -54.71
C GLY A 874 -27.56 -6.45 -55.80
N ILE A 875 -27.92 -6.80 -57.03
CA ILE A 875 -27.39 -6.09 -58.19
C ILE A 875 -28.19 -4.80 -58.39
N ALA A 876 -27.50 -3.74 -58.76
CA ALA A 876 -28.14 -2.48 -59.16
C ALA A 876 -27.51 -2.07 -60.49
N LYS A 877 -27.67 -0.80 -60.85
CA LYS A 877 -27.33 -0.35 -62.21
C LYS A 877 -26.05 0.46 -62.30
N GLU A 878 -25.83 1.43 -61.41
CA GLU A 878 -24.63 2.27 -61.48
C GLU A 878 -23.54 1.64 -60.61
N LYS A 879 -22.55 1.03 -61.25
CA LYS A 879 -21.46 0.39 -60.52
C LYS A 879 -20.48 1.44 -60.00
N LEU A 880 -20.09 1.30 -58.73
CA LEU A 880 -19.13 2.21 -58.11
C LEU A 880 -17.75 1.62 -57.96
N SER A 881 -17.65 0.36 -57.58
CA SER A 881 -16.38 -0.33 -57.38
C SER A 881 -16.62 -1.83 -57.43
N GLU A 882 -15.53 -2.58 -57.61
CA GLU A 882 -15.60 -4.03 -57.52
C GLU A 882 -14.35 -4.56 -56.81
N THR A 883 -14.55 -5.58 -56.00
CA THR A 883 -13.49 -6.32 -55.34
C THR A 883 -13.67 -7.79 -55.69
N PRO A 884 -12.70 -8.64 -55.33
CA PRO A 884 -12.95 -10.09 -55.46
C PRO A 884 -14.11 -10.56 -54.61
N ALA A 885 -14.50 -9.81 -53.58
CA ALA A 885 -15.52 -10.23 -52.63
C ALA A 885 -16.89 -9.63 -52.89
N PHE A 886 -16.99 -8.50 -53.59
CA PHE A 886 -18.28 -7.84 -53.74
C PHE A 886 -18.18 -6.74 -54.79
N THR A 887 -19.34 -6.34 -55.31
CA THR A 887 -19.49 -5.19 -56.18
C THR A 887 -20.39 -4.17 -55.51
N LEU A 888 -19.99 -2.90 -55.54
CA LEU A 888 -20.77 -1.83 -54.95
C LEU A 888 -21.47 -1.01 -56.03
N PHE A 889 -22.74 -0.70 -55.79
CA PHE A 889 -23.53 0.14 -56.69
C PHE A 889 -24.16 1.27 -55.89
N LYS A 890 -24.63 2.29 -56.61
CA LYS A 890 -25.53 3.25 -55.99
C LYS A 890 -26.88 2.60 -55.76
N ALA A 891 -27.45 2.80 -54.57
CA ALA A 891 -28.73 2.20 -54.26
C ALA A 891 -29.79 2.73 -55.23
N PRO A 892 -30.59 1.85 -55.87
CA PRO A 892 -31.59 2.27 -56.87
C PRO A 892 -32.92 2.70 -56.24
N PHE A 893 -32.83 3.63 -55.28
CA PHE A 893 -34.00 4.14 -54.56
C PHE A 893 -33.72 5.59 -54.21
N TYR A 894 -34.79 6.28 -53.81
CA TYR A 894 -34.70 7.60 -53.20
C TYR A 894 -34.47 7.47 -51.69
N LYS A 895 -33.88 8.52 -51.12
CA LYS A 895 -33.74 8.59 -49.67
C LYS A 895 -35.10 8.81 -49.02
N CYS A 896 -35.46 7.95 -48.09
CA CYS A 896 -36.68 8.13 -47.33
C CYS A 896 -36.57 9.36 -46.44
N PRO A 897 -37.53 10.29 -46.49
CA PRO A 897 -37.42 11.49 -45.65
C PRO A 897 -37.55 11.22 -44.16
N ARG A 898 -38.04 10.05 -43.75
CA ARG A 898 -38.20 9.79 -42.33
C ARG A 898 -37.01 9.03 -41.73
N CYS A 899 -36.63 7.90 -42.32
CA CYS A 899 -35.55 7.10 -41.76
C CYS A 899 -34.21 7.33 -42.45
N TRP A 900 -34.19 8.08 -43.56
CA TRP A 900 -32.98 8.43 -44.31
C TRP A 900 -32.28 7.23 -44.93
N ARG A 901 -32.93 6.08 -44.99
CA ARG A 901 -32.41 4.96 -45.75
C ARG A 901 -32.87 5.09 -47.20
N PHE A 902 -32.05 4.58 -48.12
CA PHE A 902 -32.39 4.65 -49.54
C PHE A 902 -33.26 3.45 -49.87
N LYS A 903 -34.54 3.58 -49.50
CA LYS A 903 -35.50 2.50 -49.69
C LYS A 903 -36.83 2.99 -50.25
N SER A 904 -36.94 4.26 -50.64
CA SER A 904 -38.19 4.81 -51.14
C SER A 904 -38.25 4.76 -52.66
N GLU A 905 -39.41 4.37 -53.18
CA GLU A 905 -39.60 4.34 -54.61
C GLU A 905 -39.84 5.73 -55.21
N LEU A 906 -40.33 6.69 -54.41
CA LEU A 906 -40.68 8.01 -54.90
C LEU A 906 -39.92 9.06 -54.11
N GLU A 907 -39.61 10.17 -54.78
CA GLU A 907 -38.84 11.23 -54.13
C GLU A 907 -39.64 11.84 -52.99
N ASN A 908 -38.93 12.11 -51.88
CA ASN A 908 -39.52 12.79 -50.71
C ASN A 908 -40.77 12.08 -50.19
N THR A 909 -40.78 10.74 -50.25
CA THR A 909 -41.96 9.98 -49.88
C THR A 909 -41.54 8.86 -48.94
N PRO A 910 -42.23 8.68 -47.80
CA PRO A 910 -41.82 7.65 -46.84
C PRO A 910 -41.73 6.27 -47.47
N CYS A 911 -40.69 5.53 -47.10
CA CYS A 911 -40.55 4.15 -47.53
C CYS A 911 -41.68 3.30 -46.94
N LYS A 912 -41.79 2.08 -47.46
CA LYS A 912 -42.91 1.21 -47.09
C LYS A 912 -42.98 0.99 -45.58
N ARG A 913 -41.83 0.74 -44.94
CA ARG A 913 -41.85 0.59 -43.48
C ARG A 913 -42.33 1.87 -42.81
N CYS A 914 -41.79 3.02 -43.23
CA CYS A 914 -42.17 4.25 -42.56
C CYS A 914 -43.63 4.59 -42.79
N GLU A 915 -44.13 4.31 -44.01
CA GLU A 915 -45.55 4.58 -44.30
C GLU A 915 -46.44 3.87 -43.30
N GLN A 916 -46.19 2.58 -43.05
CA GLN A 916 -47.04 1.81 -42.15
C GLN A 916 -46.93 2.30 -40.71
N VAL A 917 -45.71 2.62 -40.26
CA VAL A 917 -45.56 3.15 -38.91
C VAL A 917 -46.33 4.46 -38.77
N LEU A 918 -46.27 5.33 -39.79
CA LEU A 918 -46.94 6.62 -39.70
C LEU A 918 -48.46 6.47 -39.65
N LYS A 919 -49.01 5.44 -40.28
CA LYS A 919 -50.45 5.21 -40.33
C LYS A 919 -50.99 4.49 -39.10
N GLU A 920 -50.12 4.07 -38.18
CA GLU A 920 -50.52 3.18 -37.11
C GLU A 920 -51.62 3.79 -36.24
N ARG A 921 -52.60 2.96 -35.91
CA ARG A 921 -53.69 3.36 -35.02
C ARG A 921 -53.46 2.76 -33.64
#